data_3MX7
# 
_entry.id   3MX7 
# 
_audit_conform.dict_name       mmcif_pdbx.dic 
_audit_conform.dict_version    5.388 
_audit_conform.dict_location   http://mmcif.pdb.org/dictionaries/ascii/mmcif_pdbx.dic 
# 
loop_
_database_2.database_id 
_database_2.database_code 
_database_2.pdbx_database_accession 
_database_2.pdbx_DOI 
PDB   3MX7         pdb_00003mx7 10.2210/pdb3mx7/pdb 
RCSB  RCSB059106   ?            ?                   
WWPDB D_1000059106 ?            ?                   
# 
loop_
_pdbx_audit_revision_history.ordinal 
_pdbx_audit_revision_history.data_content_type 
_pdbx_audit_revision_history.major_revision 
_pdbx_audit_revision_history.minor_revision 
_pdbx_audit_revision_history.revision_date 
1 'Structure model' 1 0 2011-05-18 
2 'Structure model' 1 1 2011-07-13 
3 'Structure model' 1 2 2024-03-20 
# 
_pdbx_audit_revision_details.ordinal             1 
_pdbx_audit_revision_details.revision_ordinal    1 
_pdbx_audit_revision_details.data_content_type   'Structure model' 
_pdbx_audit_revision_details.provider            repository 
_pdbx_audit_revision_details.type                'Initial release' 
_pdbx_audit_revision_details.description         ? 
_pdbx_audit_revision_details.details             ? 
# 
loop_
_pdbx_audit_revision_group.ordinal 
_pdbx_audit_revision_group.revision_ordinal 
_pdbx_audit_revision_group.data_content_type 
_pdbx_audit_revision_group.group 
1 2 'Structure model' 'Version format compliance' 
2 3 'Structure model' 'Data collection'           
3 3 'Structure model' 'Database references'       
# 
loop_
_pdbx_audit_revision_category.ordinal 
_pdbx_audit_revision_category.revision_ordinal 
_pdbx_audit_revision_category.data_content_type 
_pdbx_audit_revision_category.category 
1 3 'Structure model' chem_comp_atom 
2 3 'Structure model' chem_comp_bond 
3 3 'Structure model' database_2     
# 
loop_
_pdbx_audit_revision_item.ordinal 
_pdbx_audit_revision_item.revision_ordinal 
_pdbx_audit_revision_item.data_content_type 
_pdbx_audit_revision_item.item 
1 3 'Structure model' '_database_2.pdbx_DOI'                
2 3 'Structure model' '_database_2.pdbx_database_accession' 
# 
_pdbx_database_status.status_code                     REL 
_pdbx_database_status.entry_id                        3MX7 
_pdbx_database_status.recvd_initial_deposition_date   2010-05-06 
_pdbx_database_status.deposit_site                    RCSB 
_pdbx_database_status.process_site                    PDBJ 
_pdbx_database_status.status_code_sf                  REL 
_pdbx_database_status.status_code_mr                  ? 
_pdbx_database_status.SG_entry                        ? 
_pdbx_database_status.status_code_cs                  ? 
_pdbx_database_status.pdb_format_compatible           Y 
_pdbx_database_status.status_code_nmr_data            ? 
_pdbx_database_status.methods_development_category    ? 
# 
_pdbx_database_related.db_name        PDB 
_pdbx_database_related.db_id          2KD2 
_pdbx_database_related.details        'C-terminal domain of FAIM' 
_pdbx_database_related.content_type   unspecified 
# 
loop_
_audit_author.name 
_audit_author.pdbx_ordinal 
'Li, G.'    1 
'Qu, L.'    2 
'Meng, G.'  3 
'Zheng, X.' 4 
# 
_citation.id                        primary 
_citation.title                     'The structure of human Fas apoptotic inhibitory molecule' 
_citation.journal_abbrev            'To be Published' 
_citation.journal_volume            ? 
_citation.page_first                ? 
_citation.page_last                 ? 
_citation.year                      ? 
_citation.journal_id_ASTM           ? 
_citation.country                   ? 
_citation.journal_id_ISSN           ? 
_citation.journal_id_CSD            0353 
_citation.book_publisher            ? 
_citation.pdbx_database_id_PubMed   ? 
_citation.pdbx_database_id_DOI      ? 
# 
loop_
_citation_author.citation_id 
_citation_author.name 
_citation_author.ordinal 
_citation_author.identifier_ORCID 
primary 'Li, G.'    1 ? 
primary 'Qu, L.'    2 ? 
primary 'Meng, G.'  3 ? 
primary 'Bai, X.'   4 ? 
primary 'Dai, K.'   5 ? 
primary 'Zheng, X.' 6 ? 
# 
loop_
_entity.id 
_entity.type 
_entity.src_method 
_entity.pdbx_description 
_entity.formula_weight 
_entity.pdbx_number_of_molecules 
_entity.pdbx_ec 
_entity.pdbx_mutation 
_entity.pdbx_fragment 
_entity.details 
1 polymer man 'Fas apoptotic inhibitory molecule 1' 10183.710 1   ? ? 'N-TERMINAL DOMAIN, UNP residues 1-90' ? 
2 water   nat water                                 18.015    104 ? ? ?                                      ? 
# 
_entity_poly.entity_id                      1 
_entity_poly.type                           'polypeptide(L)' 
_entity_poly.nstd_linkage                   no 
_entity_poly.nstd_monomer                   no 
_entity_poly.pdbx_seq_one_letter_code       
;MTDLVAVWDVALSDGVHKIEFEHGTTSGKRVVYVDGKEEIRKEWMFKLVGKETFYVGAAKTKATINIDAISGFAYEYTLE
INGKSLKKYM
;
_entity_poly.pdbx_seq_one_letter_code_can   
;MTDLVAVWDVALSDGVHKIEFEHGTTSGKRVVYVDGKEEIRKEWMFKLVGKETFYVGAAKTKATINIDAISGFAYEYTLE
INGKSLKKYM
;
_entity_poly.pdbx_strand_id                 A 
_entity_poly.pdbx_target_identifier         ? 
# 
_pdbx_entity_nonpoly.entity_id   2 
_pdbx_entity_nonpoly.name        water 
_pdbx_entity_nonpoly.comp_id     HOH 
# 
loop_
_entity_poly_seq.entity_id 
_entity_poly_seq.num 
_entity_poly_seq.mon_id 
_entity_poly_seq.hetero 
1 1  MET n 
1 2  THR n 
1 3  ASP n 
1 4  LEU n 
1 5  VAL n 
1 6  ALA n 
1 7  VAL n 
1 8  TRP n 
1 9  ASP n 
1 10 VAL n 
1 11 ALA n 
1 12 LEU n 
1 13 SER n 
1 14 ASP n 
1 15 GLY n 
1 16 VAL n 
1 17 HIS n 
1 18 LYS n 
1 19 ILE n 
1 20 GLU n 
1 21 PHE n 
1 22 GLU n 
1 23 HIS n 
1 24 GLY n 
1 25 THR n 
1 26 THR n 
1 27 SER n 
1 28 GLY n 
1 29 LYS n 
1 30 ARG n 
1 31 VAL n 
1 32 VAL n 
1 33 TYR n 
1 34 VAL n 
1 35 ASP n 
1 36 GLY n 
1 37 LYS n 
1 38 GLU n 
1 39 GLU n 
1 40 ILE n 
1 41 ARG n 
1 42 LYS n 
1 43 GLU n 
1 44 TRP n 
1 45 MET n 
1 46 PHE n 
1 47 LYS n 
1 48 LEU n 
1 49 VAL n 
1 50 GLY n 
1 51 LYS n 
1 52 GLU n 
1 53 THR n 
1 54 PHE n 
1 55 TYR n 
1 56 VAL n 
1 57 GLY n 
1 58 ALA n 
1 59 ALA n 
1 60 LYS n 
1 61 THR n 
1 62 LYS n 
1 63 ALA n 
1 64 THR n 
1 65 ILE n 
1 66 ASN n 
1 67 ILE n 
1 68 ASP n 
1 69 ALA n 
1 70 ILE n 
1 71 SER n 
1 72 GLY n 
1 73 PHE n 
1 74 ALA n 
1 75 TYR n 
1 76 GLU n 
1 77 TYR n 
1 78 THR n 
1 79 LEU n 
1 80 GLU n 
1 81 ILE n 
1 82 ASN n 
1 83 GLY n 
1 84 LYS n 
1 85 SER n 
1 86 LEU n 
1 87 LYS n 
1 88 LYS n 
1 89 TYR n 
1 90 MET n 
# 
_entity_src_gen.entity_id                          1 
_entity_src_gen.pdbx_src_id                        1 
_entity_src_gen.pdbx_alt_source_flag               sample 
_entity_src_gen.pdbx_seq_type                      ? 
_entity_src_gen.pdbx_beg_seq_num                   ? 
_entity_src_gen.pdbx_end_seq_num                   ? 
_entity_src_gen.gene_src_common_name               human 
_entity_src_gen.gene_src_genus                     ? 
_entity_src_gen.pdbx_gene_src_gene                 'FAIM, FAIM1' 
_entity_src_gen.gene_src_species                   ? 
_entity_src_gen.gene_src_strain                    ? 
_entity_src_gen.gene_src_tissue                    ? 
_entity_src_gen.gene_src_tissue_fraction           ? 
_entity_src_gen.gene_src_details                   ? 
_entity_src_gen.pdbx_gene_src_fragment             ? 
_entity_src_gen.pdbx_gene_src_scientific_name      'Homo sapiens' 
_entity_src_gen.pdbx_gene_src_ncbi_taxonomy_id     9606 
_entity_src_gen.pdbx_gene_src_variant              ? 
_entity_src_gen.pdbx_gene_src_cell_line            ? 
_entity_src_gen.pdbx_gene_src_atcc                 ? 
_entity_src_gen.pdbx_gene_src_organ                ? 
_entity_src_gen.pdbx_gene_src_organelle            ? 
_entity_src_gen.pdbx_gene_src_cell                 ? 
_entity_src_gen.pdbx_gene_src_cellular_location    ? 
_entity_src_gen.host_org_common_name               ? 
_entity_src_gen.pdbx_host_org_scientific_name      'Escherichia coli' 
_entity_src_gen.pdbx_host_org_ncbi_taxonomy_id     562 
_entity_src_gen.host_org_genus                     ? 
_entity_src_gen.pdbx_host_org_gene                 ? 
_entity_src_gen.pdbx_host_org_organ                ? 
_entity_src_gen.host_org_species                   ? 
_entity_src_gen.pdbx_host_org_tissue               ? 
_entity_src_gen.pdbx_host_org_tissue_fraction      ? 
_entity_src_gen.pdbx_host_org_strain               'BL21(DE3)' 
_entity_src_gen.pdbx_host_org_variant              ? 
_entity_src_gen.pdbx_host_org_cell_line            ? 
_entity_src_gen.pdbx_host_org_atcc                 ? 
_entity_src_gen.pdbx_host_org_culture_collection   ? 
_entity_src_gen.pdbx_host_org_cell                 ? 
_entity_src_gen.pdbx_host_org_organelle            ? 
_entity_src_gen.pdbx_host_org_cellular_location    ? 
_entity_src_gen.pdbx_host_org_vector_type          PLASMID 
_entity_src_gen.pdbx_host_org_vector               ? 
_entity_src_gen.host_org_details                   ? 
_entity_src_gen.expression_system_id               ? 
_entity_src_gen.plasmid_name                       pET28a 
_entity_src_gen.plasmid_details                    ? 
_entity_src_gen.pdbx_description                   ? 
# 
loop_
_chem_comp.id 
_chem_comp.type 
_chem_comp.mon_nstd_flag 
_chem_comp.name 
_chem_comp.pdbx_synonyms 
_chem_comp.formula 
_chem_comp.formula_weight 
ALA 'L-peptide linking' y ALANINE         ? 'C3 H7 N O2'     89.093  
ARG 'L-peptide linking' y ARGININE        ? 'C6 H15 N4 O2 1' 175.209 
ASN 'L-peptide linking' y ASPARAGINE      ? 'C4 H8 N2 O3'    132.118 
ASP 'L-peptide linking' y 'ASPARTIC ACID' ? 'C4 H7 N O4'     133.103 
GLU 'L-peptide linking' y 'GLUTAMIC ACID' ? 'C5 H9 N O4'     147.129 
GLY 'peptide linking'   y GLYCINE         ? 'C2 H5 N O2'     75.067  
HIS 'L-peptide linking' y HISTIDINE       ? 'C6 H10 N3 O2 1' 156.162 
HOH non-polymer         . WATER           ? 'H2 O'           18.015  
ILE 'L-peptide linking' y ISOLEUCINE      ? 'C6 H13 N O2'    131.173 
LEU 'L-peptide linking' y LEUCINE         ? 'C6 H13 N O2'    131.173 
LYS 'L-peptide linking' y LYSINE          ? 'C6 H15 N2 O2 1' 147.195 
MET 'L-peptide linking' y METHIONINE      ? 'C5 H11 N O2 S'  149.211 
PHE 'L-peptide linking' y PHENYLALANINE   ? 'C9 H11 N O2'    165.189 
SER 'L-peptide linking' y SERINE          ? 'C3 H7 N O3'     105.093 
THR 'L-peptide linking' y THREONINE       ? 'C4 H9 N O3'     119.119 
TRP 'L-peptide linking' y TRYPTOPHAN      ? 'C11 H12 N2 O2'  204.225 
TYR 'L-peptide linking' y TYROSINE        ? 'C9 H11 N O3'    181.189 
VAL 'L-peptide linking' y VALINE          ? 'C5 H11 N O2'    117.146 
# 
loop_
_pdbx_poly_seq_scheme.asym_id 
_pdbx_poly_seq_scheme.entity_id 
_pdbx_poly_seq_scheme.seq_id 
_pdbx_poly_seq_scheme.mon_id 
_pdbx_poly_seq_scheme.ndb_seq_num 
_pdbx_poly_seq_scheme.pdb_seq_num 
_pdbx_poly_seq_scheme.auth_seq_num 
_pdbx_poly_seq_scheme.pdb_mon_id 
_pdbx_poly_seq_scheme.auth_mon_id 
_pdbx_poly_seq_scheme.pdb_strand_id 
_pdbx_poly_seq_scheme.pdb_ins_code 
_pdbx_poly_seq_scheme.hetero 
A 1 1  MET 1  1  1  MET MET A . n 
A 1 2  THR 2  2  2  THR THR A . n 
A 1 3  ASP 3  3  3  ASP ASP A . n 
A 1 4  LEU 4  4  4  LEU LEU A . n 
A 1 5  VAL 5  5  5  VAL VAL A . n 
A 1 6  ALA 6  6  6  ALA ALA A . n 
A 1 7  VAL 7  7  7  VAL VAL A . n 
A 1 8  TRP 8  8  8  TRP TRP A . n 
A 1 9  ASP 9  9  9  ASP ASP A . n 
A 1 10 VAL 10 10 10 VAL VAL A . n 
A 1 11 ALA 11 11 11 ALA ALA A . n 
A 1 12 LEU 12 12 12 LEU LEU A . n 
A 1 13 SER 13 13 13 SER SER A . n 
A 1 14 ASP 14 14 14 ASP ASP A . n 
A 1 15 GLY 15 15 15 GLY GLY A . n 
A 1 16 VAL 16 16 16 VAL VAL A . n 
A 1 17 HIS 17 17 17 HIS HIS A . n 
A 1 18 LYS 18 18 18 LYS LYS A . n 
A 1 19 ILE 19 19 19 ILE ILE A . n 
A 1 20 GLU 20 20 20 GLU GLU A . n 
A 1 21 PHE 21 21 21 PHE PHE A . n 
A 1 22 GLU 22 22 22 GLU GLU A . n 
A 1 23 HIS 23 23 23 HIS HIS A . n 
A 1 24 GLY 24 24 24 GLY GLY A . n 
A 1 25 THR 25 25 25 THR THR A . n 
A 1 26 THR 26 26 26 THR THR A . n 
A 1 27 SER 27 27 27 SER SER A . n 
A 1 28 GLY 28 28 28 GLY GLY A . n 
A 1 29 LYS 29 29 29 LYS LYS A . n 
A 1 30 ARG 30 30 30 ARG ARG A . n 
A 1 31 VAL 31 31 31 VAL VAL A . n 
A 1 32 VAL 32 32 32 VAL VAL A . n 
A 1 33 TYR 33 33 33 TYR TYR A . n 
A 1 34 VAL 34 34 34 VAL VAL A . n 
A 1 35 ASP 35 35 35 ASP ASP A . n 
A 1 36 GLY 36 36 36 GLY GLY A . n 
A 1 37 LYS 37 37 37 LYS LYS A . n 
A 1 38 GLU 38 38 38 GLU GLU A . n 
A 1 39 GLU 39 39 39 GLU GLU A . n 
A 1 40 ILE 40 40 40 ILE ILE A . n 
A 1 41 ARG 41 41 41 ARG ARG A . n 
A 1 42 LYS 42 42 42 LYS LYS A . n 
A 1 43 GLU 43 43 43 GLU GLU A . n 
A 1 44 TRP 44 44 44 TRP TRP A . n 
A 1 45 MET 45 45 45 MET MET A . n 
A 1 46 PHE 46 46 46 PHE PHE A . n 
A 1 47 LYS 47 47 47 LYS LYS A . n 
A 1 48 LEU 48 48 48 LEU LEU A . n 
A 1 49 VAL 49 49 49 VAL VAL A . n 
A 1 50 GLY 50 50 50 GLY GLY A . n 
A 1 51 LYS 51 51 51 LYS LYS A . n 
A 1 52 GLU 52 52 52 GLU GLU A . n 
A 1 53 THR 53 53 53 THR THR A . n 
A 1 54 PHE 54 54 54 PHE PHE A . n 
A 1 55 TYR 55 55 55 TYR TYR A . n 
A 1 56 VAL 56 56 56 VAL VAL A . n 
A 1 57 GLY 57 57 57 GLY GLY A . n 
A 1 58 ALA 58 58 58 ALA ALA A . n 
A 1 59 ALA 59 59 59 ALA ALA A . n 
A 1 60 LYS 60 60 60 LYS LYS A . n 
A 1 61 THR 61 61 61 THR THR A . n 
A 1 62 LYS 62 62 62 LYS LYS A . n 
A 1 63 ALA 63 63 63 ALA ALA A . n 
A 1 64 THR 64 64 64 THR THR A . n 
A 1 65 ILE 65 65 65 ILE ILE A . n 
A 1 66 ASN 66 66 66 ASN ASN A . n 
A 1 67 ILE 67 67 67 ILE ILE A . n 
A 1 68 ASP 68 68 68 ASP ASP A . n 
A 1 69 ALA 69 69 69 ALA ALA A . n 
A 1 70 ILE 70 70 70 ILE ILE A . n 
A 1 71 SER 71 71 71 SER SER A . n 
A 1 72 GLY 72 72 72 GLY GLY A . n 
A 1 73 PHE 73 73 73 PHE PHE A . n 
A 1 74 ALA 74 74 74 ALA ALA A . n 
A 1 75 TYR 75 75 75 TYR TYR A . n 
A 1 76 GLU 76 76 76 GLU GLU A . n 
A 1 77 TYR 77 77 77 TYR TYR A . n 
A 1 78 THR 78 78 78 THR THR A . n 
A 1 79 LEU 79 79 79 LEU LEU A . n 
A 1 80 GLU 80 80 80 GLU GLU A . n 
A 1 81 ILE 81 81 81 ILE ILE A . n 
A 1 82 ASN 82 82 82 ASN ASN A . n 
A 1 83 GLY 83 83 83 GLY GLY A . n 
A 1 84 LYS 84 84 84 LYS LYS A . n 
A 1 85 SER 85 85 85 SER SER A . n 
A 1 86 LEU 86 86 86 LEU LEU A . n 
A 1 87 LYS 87 87 87 LYS LYS A . n 
A 1 88 LYS 88 88 88 LYS LYS A . n 
A 1 89 TYR 89 89 89 TYR TYR A . n 
A 1 90 MET 90 90 90 MET MET A . n 
# 
loop_
_pdbx_nonpoly_scheme.asym_id 
_pdbx_nonpoly_scheme.entity_id 
_pdbx_nonpoly_scheme.mon_id 
_pdbx_nonpoly_scheme.ndb_seq_num 
_pdbx_nonpoly_scheme.pdb_seq_num 
_pdbx_nonpoly_scheme.auth_seq_num 
_pdbx_nonpoly_scheme.pdb_mon_id 
_pdbx_nonpoly_scheme.auth_mon_id 
_pdbx_nonpoly_scheme.pdb_strand_id 
_pdbx_nonpoly_scheme.pdb_ins_code 
B 2 HOH 1   91  1   HOH HOH A . 
B 2 HOH 2   92  2   HOH HOH A . 
B 2 HOH 3   93  3   HOH HOH A . 
B 2 HOH 4   94  4   HOH HOH A . 
B 2 HOH 5   95  6   HOH HOH A . 
B 2 HOH 6   96  7   HOH HOH A . 
B 2 HOH 7   97  8   HOH HOH A . 
B 2 HOH 8   98  9   HOH HOH A . 
B 2 HOH 9   99  99  HOH HOH A . 
B 2 HOH 10  100 10  HOH HOH A . 
B 2 HOH 11  101 11  HOH HOH A . 
B 2 HOH 12  102 102 HOH HOH A . 
B 2 HOH 13  103 12  HOH HOH A . 
B 2 HOH 14  104 104 HOH HOH A . 
B 2 HOH 15  105 14  HOH HOH A . 
B 2 HOH 16  106 106 HOH HOH A . 
B 2 HOH 17  107 16  HOH HOH A . 
B 2 HOH 18  108 17  HOH HOH A . 
B 2 HOH 19  109 18  HOH HOH A . 
B 2 HOH 20  110 19  HOH HOH A . 
B 2 HOH 21  111 20  HOH HOH A . 
B 2 HOH 22  112 21  HOH HOH A . 
B 2 HOH 23  113 22  HOH HOH A . 
B 2 HOH 24  114 23  HOH HOH A . 
B 2 HOH 25  115 25  HOH HOH A . 
B 2 HOH 26  116 27  HOH HOH A . 
B 2 HOH 27  117 29  HOH HOH A . 
B 2 HOH 28  118 30  HOH HOH A . 
B 2 HOH 29  119 31  HOH HOH A . 
B 2 HOH 30  120 33  HOH HOH A . 
B 2 HOH 31  121 34  HOH HOH A . 
B 2 HOH 32  122 35  HOH HOH A . 
B 2 HOH 33  123 36  HOH HOH A . 
B 2 HOH 34  124 38  HOH HOH A . 
B 2 HOH 35  125 41  HOH HOH A . 
B 2 HOH 36  126 43  HOH HOH A . 
B 2 HOH 37  127 44  HOH HOH A . 
B 2 HOH 38  128 45  HOH HOH A . 
B 2 HOH 39  129 46  HOH HOH A . 
B 2 HOH 40  130 47  HOH HOH A . 
B 2 HOH 41  131 49  HOH HOH A . 
B 2 HOH 42  132 52  HOH HOH A . 
B 2 HOH 43  133 53  HOH HOH A . 
B 2 HOH 44  134 54  HOH HOH A . 
B 2 HOH 45  135 57  HOH HOH A . 
B 2 HOH 46  136 59  HOH HOH A . 
B 2 HOH 47  137 60  HOH HOH A . 
B 2 HOH 48  138 61  HOH HOH A . 
B 2 HOH 49  139 62  HOH HOH A . 
B 2 HOH 50  140 63  HOH HOH A . 
B 2 HOH 51  141 64  HOH HOH A . 
B 2 HOH 52  142 65  HOH HOH A . 
B 2 HOH 53  143 66  HOH HOH A . 
B 2 HOH 54  144 68  HOH HOH A . 
B 2 HOH 55  145 70  HOH HOH A . 
B 2 HOH 56  146 71  HOH HOH A . 
B 2 HOH 57  147 75  HOH HOH A . 
B 2 HOH 58  148 76  HOH HOH A . 
B 2 HOH 59  149 78  HOH HOH A . 
B 2 HOH 60  150 79  HOH HOH A . 
B 2 HOH 61  151 82  HOH HOH A . 
B 2 HOH 62  152 83  HOH HOH A . 
B 2 HOH 63  153 84  HOH HOH A . 
B 2 HOH 64  154 86  HOH HOH A . 
B 2 HOH 65  155 87  HOH HOH A . 
B 2 HOH 66  156 1   HOH HOH A . 
B 2 HOH 67  157 5   HOH HOH A . 
B 2 HOH 68  158 6   HOH HOH A . 
B 2 HOH 69  159 8   HOH HOH A . 
B 2 HOH 70  160 11  HOH HOH A . 
B 2 HOH 71  161 12  HOH HOH A . 
B 2 HOH 72  162 14  HOH HOH A . 
B 2 HOH 73  163 17  HOH HOH A . 
B 2 HOH 74  164 18  HOH HOH A . 
B 2 HOH 75  165 19  HOH HOH A . 
B 2 HOH 76  166 20  HOH HOH A . 
B 2 HOH 77  167 28  HOH HOH A . 
B 2 HOH 78  168 31  HOH HOH A . 
B 2 HOH 79  169 35  HOH HOH A . 
B 2 HOH 80  170 36  HOH HOH A . 
B 2 HOH 81  171 38  HOH HOH A . 
B 2 HOH 82  172 40  HOH HOH A . 
B 2 HOH 83  173 80  HOH HOH A . 
B 2 HOH 84  174 4   HOH HOH A . 
B 2 HOH 85  175 8   HOH HOH A . 
B 2 HOH 86  176 20  HOH HOH A . 
B 2 HOH 87  177 36  HOH HOH A . 
B 2 HOH 88  178 67  HOH HOH A . 
B 2 HOH 89  179 1   HOH HOH A . 
B 2 HOH 90  180 1   HOH HOH A . 
B 2 HOH 91  181 19  HOH HOH A . 
B 2 HOH 92  182 12  HOH HOH A . 
B 2 HOH 93  183 1   HOH HOH A . 
B 2 HOH 94  184 2   HOH HOH A . 
B 2 HOH 95  185 4   HOH HOH A . 
B 2 HOH 96  186 6   HOH HOH A . 
B 2 HOH 97  187 10  HOH HOH A . 
B 2 HOH 98  188 11  HOH HOH A . 
B 2 HOH 99  189 15  HOH HOH A . 
B 2 HOH 100 190 21  HOH HOH A . 
B 2 HOH 101 191 25  HOH HOH A . 
B 2 HOH 102 192 42  HOH HOH A . 
B 2 HOH 103 193 66  HOH HOH A . 
B 2 HOH 104 194 70  HOH HOH A . 
# 
loop_
_software.name 
_software.classification 
_software.version 
_software.citation_id 
_software.pdbx_ordinal 
HKL-2000  'data collection' .        ? 1 
SOLVE     phasing           .        ? 2 
REFMAC    refinement        5.5.0109 ? 3 
HKL-2000  'data reduction'  .        ? 4 
SCALEPACK 'data scaling'    .        ? 5 
# 
_cell.entry_id           3MX7 
_cell.length_a           57.170 
_cell.length_b           57.170 
_cell.length_c           69.946 
_cell.angle_alpha        90.00 
_cell.angle_beta         90.00 
_cell.angle_gamma        120.00 
_cell.Z_PDB              6 
_cell.pdbx_unique_axis   ? 
_cell.length_a_esd       ? 
_cell.length_b_esd       ? 
_cell.length_c_esd       ? 
_cell.angle_alpha_esd    ? 
_cell.angle_beta_esd     ? 
_cell.angle_gamma_esd    ? 
# 
_symmetry.entry_id                         3MX7 
_symmetry.space_group_name_H-M             'P 31 2 1' 
_symmetry.pdbx_full_space_group_name_H-M   ? 
_symmetry.cell_setting                     ? 
_symmetry.Int_Tables_number                152 
_symmetry.space_group_name_Hall            ? 
# 
_exptl.entry_id          3MX7 
_exptl.method            'X-RAY DIFFRACTION' 
_exptl.crystals_number   1 
# 
_exptl_crystal.id                    1 
_exptl_crystal.density_meas          ? 
_exptl_crystal.density_Matthews      3.24 
_exptl_crystal.density_percent_sol   62.04 
_exptl_crystal.description           ? 
_exptl_crystal.F_000                 ? 
_exptl_crystal.preparation           ? 
# 
_exptl_crystal_grow.crystal_id      1 
_exptl_crystal_grow.method          'VAPOR DIFFUSION, HANGING DROP' 
_exptl_crystal_grow.temp            293 
_exptl_crystal_grow.temp_details    ? 
_exptl_crystal_grow.pH              6.5 
_exptl_crystal_grow.pdbx_details    
'0.67M sodium phosphate, 0.73M potassium phosphate, pH 6.5, VAPOR DIFFUSION, HANGING DROP, temperature 293K' 
_exptl_crystal_grow.pdbx_pH_range   . 
# 
_diffrn.id                     1 
_diffrn.ambient_temp           100 
_diffrn.ambient_temp_details   ? 
_diffrn.crystal_id             1 
# 
_diffrn_detector.diffrn_id              1 
_diffrn_detector.detector               CCD 
_diffrn_detector.type                   SBC-2 
_diffrn_detector.pdbx_collection_date   2010-01-16 
_diffrn_detector.details                ? 
# 
_diffrn_radiation.diffrn_id                        1 
_diffrn_radiation.wavelength_id                    1 
_diffrn_radiation.pdbx_monochromatic_or_laue_m_l   M 
_diffrn_radiation.monochromator                    'SAGITALLY FOCUSED Si' 
_diffrn_radiation.pdbx_diffrn_protocol             'SINGLE WAVELENGTH' 
_diffrn_radiation.pdbx_scattering_type             x-ray 
# 
_diffrn_radiation_wavelength.id           1 
_diffrn_radiation_wavelength.wavelength   1.04361 
_diffrn_radiation_wavelength.wt           1.0 
# 
_diffrn_source.diffrn_id                   1 
_diffrn_source.source                      SYNCHROTRON 
_diffrn_source.type                        'APS BEAMLINE 19-ID' 
_diffrn_source.pdbx_synchrotron_site       APS 
_diffrn_source.pdbx_synchrotron_beamline   19-ID 
_diffrn_source.pdbx_wavelength             ? 
_diffrn_source.pdbx_wavelength_list        1.04361 
# 
_reflns.entry_id                     3MX7 
_reflns.observed_criterion_sigma_I   -3 
_reflns.observed_criterion_sigma_F   0 
_reflns.d_resolution_low             50 
_reflns.d_resolution_high            1.76 
_reflns.number_obs                   14391 
_reflns.number_all                   ? 
_reflns.percent_possible_obs         99.7 
_reflns.pdbx_Rmerge_I_obs            0.069 
_reflns.pdbx_Rsym_value              0.069 
_reflns.pdbx_netI_over_sigmaI        17.267 
_reflns.B_iso_Wilson_estimate        11.6 
_reflns.pdbx_redundancy              5.7 
_reflns.R_free_details               ? 
_reflns.limit_h_max                  ? 
_reflns.limit_h_min                  ? 
_reflns.limit_k_max                  ? 
_reflns.limit_k_min                  ? 
_reflns.limit_l_max                  ? 
_reflns.limit_l_min                  ? 
_reflns.observed_criterion_F_max     ? 
_reflns.observed_criterion_F_min     ? 
_reflns.pdbx_chi_squared             ? 
_reflns.pdbx_scaling_rejects         ? 
_reflns.pdbx_ordinal                 1 
_reflns.pdbx_diffrn_id               1 
# 
_reflns_shell.d_res_high             1.76 
_reflns_shell.d_res_low              1.82 
_reflns_shell.percent_possible_all   99.4 
_reflns_shell.Rmerge_I_obs           0.187 
_reflns_shell.pdbx_Rsym_value        0.187 
_reflns_shell.meanI_over_sigI_obs    11.041 
_reflns_shell.pdbx_redundancy        5 
_reflns_shell.percent_possible_obs   ? 
_reflns_shell.number_unique_all      2521 
_reflns_shell.number_measured_all    ? 
_reflns_shell.number_measured_obs    ? 
_reflns_shell.number_unique_obs      ? 
_reflns_shell.pdbx_chi_squared       ? 
_reflns_shell.pdbx_ordinal           1 
_reflns_shell.pdbx_diffrn_id         1 
# 
_refine.entry_id                                 3MX7 
_refine.ls_number_reflns_obs                     12781 
_refine.ls_number_reflns_all                     ? 
_refine.pdbx_ls_sigma_I                          ? 
_refine.pdbx_ls_sigma_F                          0.16 
_refine.pdbx_data_cutoff_high_absF               ? 
_refine.pdbx_data_cutoff_low_absF                ? 
_refine.pdbx_data_cutoff_high_rms_absF           ? 
_refine.ls_d_res_low                             28.57 
_refine.ls_d_res_high                            1.76 
_refine.ls_percent_reflns_obs                    99.27 
_refine.ls_R_factor_obs                          0.17759 
_refine.ls_R_factor_all                          0.179 
_refine.ls_R_factor_R_work                       0.17645 
_refine.ls_R_factor_R_free                       0.20045 
_refine.ls_R_factor_R_free_error                 ? 
_refine.ls_R_factor_R_free_error_details         ? 
_refine.ls_percent_reflns_R_free                 4.9 
_refine.ls_number_reflns_R_free                  663 
_refine.ls_number_parameters                     ? 
_refine.ls_number_restraints                     ? 
_refine.occupancy_min                            ? 
_refine.occupancy_max                            ? 
_refine.correlation_coeff_Fo_to_Fc               0.957 
_refine.correlation_coeff_Fo_to_Fc_free          0.944 
_refine.B_iso_mean                               20.386 
_refine.aniso_B[1][1]                            0.00 
_refine.aniso_B[2][2]                            0.00 
_refine.aniso_B[3][3]                            0.00 
_refine.aniso_B[1][2]                            0.00 
_refine.aniso_B[1][3]                            0.00 
_refine.aniso_B[2][3]                            0.00 
_refine.solvent_model_details                    MASK 
_refine.solvent_model_param_ksol                 ? 
_refine.solvent_model_param_bsol                 ? 
_refine.pdbx_solvent_vdw_probe_radii             1.40 
_refine.pdbx_solvent_ion_probe_radii             0.80 
_refine.pdbx_solvent_shrinkage_radii             0.80 
_refine.pdbx_ls_cross_valid_method               THROUGHOUT 
_refine.details                                  'HYDROGENS HAVE BEEN ADDED IN THE RIDING POSITIONS' 
_refine.pdbx_starting_model                      ? 
_refine.pdbx_method_to_determine_struct          SAD 
_refine.pdbx_isotropic_thermal_model             ? 
_refine.pdbx_stereochemistry_target_values       'MAXIMUM LIKELIHOOD' 
_refine.pdbx_stereochem_target_val_spec_case     ? 
_refine.pdbx_R_Free_selection_details            RANDOM 
_refine.pdbx_overall_ESU_R_Free                  0.091 
_refine.overall_SU_ML                            0.055 
_refine.overall_SU_B                             1.687 
_refine.overall_SU_R_Cruickshank_DPI             ? 
_refine.ls_redundancy_reflns_obs                 ? 
_refine.B_iso_min                                ? 
_refine.B_iso_max                                ? 
_refine.overall_SU_R_free                        ? 
_refine.ls_wR_factor_R_free                      ? 
_refine.ls_wR_factor_R_work                      ? 
_refine.overall_FOM_free_R_set                   ? 
_refine.overall_FOM_work_R_set                   ? 
_refine.pdbx_refine_id                           'X-RAY DIFFRACTION' 
_refine.pdbx_overall_phase_error                 ? 
_refine.pdbx_overall_ESU_R                       ? 
_refine.pdbx_diffrn_id                           1 
_refine.pdbx_TLS_residual_ADP_flag               ? 
_refine.pdbx_overall_SU_R_free_Cruickshank_DPI   ? 
_refine.pdbx_overall_SU_R_Blow_DPI               ? 
_refine.pdbx_overall_SU_R_free_Blow_DPI          ? 
# 
_refine_hist.pdbx_refine_id                   'X-RAY DIFFRACTION' 
_refine_hist.cycle_id                         LAST 
_refine_hist.pdbx_number_atoms_protein        716 
_refine_hist.pdbx_number_atoms_nucleic_acid   0 
_refine_hist.pdbx_number_atoms_ligand         0 
_refine_hist.number_atoms_solvent             104 
_refine_hist.number_atoms_total               820 
_refine_hist.d_res_high                       1.76 
_refine_hist.d_res_low                        28.57 
# 
loop_
_refine_ls_restr.type 
_refine_ls_restr.dev_ideal 
_refine_ls_restr.dev_ideal_target 
_refine_ls_restr.weight 
_refine_ls_restr.number 
_refine_ls_restr.pdbx_refine_id 
_refine_ls_restr.pdbx_restraint_function 
r_bond_refined_d             0.017  0.022  ? 730 'X-RAY DIFFRACTION' ? 
r_bond_other_d               ?      ?      ? ?   'X-RAY DIFFRACTION' ? 
r_angle_refined_deg          1.741  1.944  ? 981 'X-RAY DIFFRACTION' ? 
r_angle_other_deg            ?      ?      ? ?   'X-RAY DIFFRACTION' ? 
r_dihedral_angle_1_deg       6.610  5.000  ? 89  'X-RAY DIFFRACTION' ? 
r_dihedral_angle_2_deg       38.743 24.333 ? 30  'X-RAY DIFFRACTION' ? 
r_dihedral_angle_3_deg       12.327 15.000 ? 137 'X-RAY DIFFRACTION' ? 
r_dihedral_angle_4_deg       2.126  15.000 ? 2   'X-RAY DIFFRACTION' ? 
r_chiral_restr               0.155  0.200  ? 109 'X-RAY DIFFRACTION' ? 
r_gen_planes_refined         0.018  0.020  ? 526 'X-RAY DIFFRACTION' ? 
r_gen_planes_other           ?      ?      ? ?   'X-RAY DIFFRACTION' ? 
r_nbd_refined                ?      ?      ? ?   'X-RAY DIFFRACTION' ? 
r_nbd_other                  ?      ?      ? ?   'X-RAY DIFFRACTION' ? 
r_nbtor_refined              ?      ?      ? ?   'X-RAY DIFFRACTION' ? 
r_nbtor_other                ?      ?      ? ?   'X-RAY DIFFRACTION' ? 
r_xyhbond_nbd_refined        ?      ?      ? ?   'X-RAY DIFFRACTION' ? 
r_xyhbond_nbd_other          ?      ?      ? ?   'X-RAY DIFFRACTION' ? 
r_metal_ion_refined          ?      ?      ? ?   'X-RAY DIFFRACTION' ? 
r_metal_ion_other            ?      ?      ? ?   'X-RAY DIFFRACTION' ? 
r_symmetry_vdw_refined       ?      ?      ? ?   'X-RAY DIFFRACTION' ? 
r_symmetry_vdw_other         ?      ?      ? ?   'X-RAY DIFFRACTION' ? 
r_symmetry_hbond_refined     ?      ?      ? ?   'X-RAY DIFFRACTION' ? 
r_symmetry_hbond_other       ?      ?      ? ?   'X-RAY DIFFRACTION' ? 
r_symmetry_metal_ion_refined ?      ?      ? ?   'X-RAY DIFFRACTION' ? 
r_symmetry_metal_ion_other   ?      ?      ? ?   'X-RAY DIFFRACTION' ? 
r_mcbond_it                  1.298  1.500  ? 441 'X-RAY DIFFRACTION' ? 
r_mcbond_other               ?      ?      ? ?   'X-RAY DIFFRACTION' ? 
r_mcangle_it                 2.444  2.000  ? 708 'X-RAY DIFFRACTION' ? 
r_scbond_it                  3.430  3.000  ? 289 'X-RAY DIFFRACTION' ? 
r_scangle_it                 5.695  4.500  ? 273 'X-RAY DIFFRACTION' ? 
r_rigid_bond_restr           ?      ?      ? ?   'X-RAY DIFFRACTION' ? 
r_sphericity_free            ?      ?      ? ?   'X-RAY DIFFRACTION' ? 
r_sphericity_bonded          ?      ?      ? ?   'X-RAY DIFFRACTION' ? 
# 
_refine_ls_shell.pdbx_total_number_of_bins_used   20 
_refine_ls_shell.d_res_high                       1.760 
_refine_ls_shell.d_res_low                        1.805 
_refine_ls_shell.number_reflns_R_work             909 
_refine_ls_shell.R_factor_R_work                  0.194 
_refine_ls_shell.percent_reflns_obs               99.18 
_refine_ls_shell.R_factor_R_free                  0.244 
_refine_ls_shell.R_factor_R_free_error            ? 
_refine_ls_shell.percent_reflns_R_free            ? 
_refine_ls_shell.number_reflns_R_free             56 
_refine_ls_shell.number_reflns_all                ? 
_refine_ls_shell.R_factor_all                     ? 
_refine_ls_shell.number_reflns_obs                1018 
_refine_ls_shell.redundancy_reflns_obs            ? 
_refine_ls_shell.pdbx_refine_id                   'X-RAY DIFFRACTION' 
# 
_struct.entry_id                  3MX7 
_struct.title                     'Crystal Structure Analysis of Human FAIM-NTD' 
_struct.pdbx_model_details        ? 
_struct.pdbx_CASP_flag            ? 
_struct.pdbx_model_type_details   ? 
# 
_struct_keywords.entry_id        3MX7 
_struct_keywords.pdbx_keywords   APOPTOSIS 
_struct_keywords.text            'Beta Sheet, APOPTOSIS' 
# 
loop_
_struct_asym.id 
_struct_asym.pdbx_blank_PDB_chainid_flag 
_struct_asym.pdbx_modified 
_struct_asym.entity_id 
_struct_asym.details 
A N N 1 ? 
B N N 2 ? 
# 
_struct_ref.id                         1 
_struct_ref.db_name                    UNP 
_struct_ref.db_code                    FAIM1_HUMAN 
_struct_ref.pdbx_db_accession          Q9NVQ4 
_struct_ref.entity_id                  1 
_struct_ref.pdbx_seq_one_letter_code   
;MTDLVAVWDVALSDGVHKIEFEHGTTSGKRVVYVDGKEEIRKEWMFKLVGKETFYVGAAKTKATINIDAISGFAYEYTLE
INGKSLKKYM
;
_struct_ref.pdbx_align_begin           1 
_struct_ref.pdbx_db_isoform            ? 
# 
_struct_ref_seq.align_id                      1 
_struct_ref_seq.ref_id                        1 
_struct_ref_seq.pdbx_PDB_id_code              3MX7 
_struct_ref_seq.pdbx_strand_id                A 
_struct_ref_seq.seq_align_beg                 1 
_struct_ref_seq.pdbx_seq_align_beg_ins_code   ? 
_struct_ref_seq.seq_align_end                 90 
_struct_ref_seq.pdbx_seq_align_end_ins_code   ? 
_struct_ref_seq.pdbx_db_accession             Q9NVQ4 
_struct_ref_seq.db_align_beg                  1 
_struct_ref_seq.pdbx_db_align_beg_ins_code    ? 
_struct_ref_seq.db_align_end                  90 
_struct_ref_seq.pdbx_db_align_end_ins_code    ? 
_struct_ref_seq.pdbx_auth_seq_align_beg       1 
_struct_ref_seq.pdbx_auth_seq_align_end       90 
# 
_pdbx_struct_assembly.id                   1 
_pdbx_struct_assembly.details              author_and_software_defined_assembly 
_pdbx_struct_assembly.method_details       PISA 
_pdbx_struct_assembly.oligomeric_details   monomeric 
_pdbx_struct_assembly.oligomeric_count     1 
# 
_pdbx_struct_assembly_gen.assembly_id       1 
_pdbx_struct_assembly_gen.oper_expression   1 
_pdbx_struct_assembly_gen.asym_id_list      A,B 
# 
_pdbx_struct_oper_list.id                   1 
_pdbx_struct_oper_list.type                 'identity operation' 
_pdbx_struct_oper_list.name                 1_555 
_pdbx_struct_oper_list.symmetry_operation   x,y,z 
_pdbx_struct_oper_list.matrix[1][1]         1.0000000000 
_pdbx_struct_oper_list.matrix[1][2]         0.0000000000 
_pdbx_struct_oper_list.matrix[1][3]         0.0000000000 
_pdbx_struct_oper_list.vector[1]            0.0000000000 
_pdbx_struct_oper_list.matrix[2][1]         0.0000000000 
_pdbx_struct_oper_list.matrix[2][2]         1.0000000000 
_pdbx_struct_oper_list.matrix[2][3]         0.0000000000 
_pdbx_struct_oper_list.vector[2]            0.0000000000 
_pdbx_struct_oper_list.matrix[3][1]         0.0000000000 
_pdbx_struct_oper_list.matrix[3][2]         0.0000000000 
_pdbx_struct_oper_list.matrix[3][3]         1.0000000000 
_pdbx_struct_oper_list.vector[3]            0.0000000000 
# 
_struct_biol.id        1 
_struct_biol.details   ? 
# 
loop_
_struct_sheet.id 
_struct_sheet.type 
_struct_sheet.number_strands 
_struct_sheet.details 
A ? 4 ? 
B ? 4 ? 
# 
loop_
_struct_sheet_order.sheet_id 
_struct_sheet_order.range_id_1 
_struct_sheet_order.range_id_2 
_struct_sheet_order.offset 
_struct_sheet_order.sense 
A 1 2 ? anti-parallel 
A 2 3 ? anti-parallel 
A 3 4 ? anti-parallel 
B 1 2 ? anti-parallel 
B 2 3 ? anti-parallel 
B 3 4 ? anti-parallel 
# 
loop_
_struct_sheet_range.sheet_id 
_struct_sheet_range.id 
_struct_sheet_range.beg_label_comp_id 
_struct_sheet_range.beg_label_asym_id 
_struct_sheet_range.beg_label_seq_id 
_struct_sheet_range.pdbx_beg_PDB_ins_code 
_struct_sheet_range.end_label_comp_id 
_struct_sheet_range.end_label_asym_id 
_struct_sheet_range.end_label_seq_id 
_struct_sheet_range.pdbx_end_PDB_ins_code 
_struct_sheet_range.beg_auth_comp_id 
_struct_sheet_range.beg_auth_asym_id 
_struct_sheet_range.beg_auth_seq_id 
_struct_sheet_range.end_auth_comp_id 
_struct_sheet_range.end_auth_asym_id 
_struct_sheet_range.end_auth_seq_id 
A 1 LEU A 4  ? LEU A 12 ? LEU A 4  LEU A 12 
A 2 GLY A 15 ? HIS A 23 ? GLY A 15 HIS A 23 
A 3 ARG A 30 ? VAL A 34 ? ARG A 30 VAL A 34 
A 4 LYS A 37 ? LYS A 42 ? LYS A 37 LYS A 42 
B 1 GLY A 50 ? VAL A 56 ? GLY A 50 VAL A 56 
B 2 THR A 61 ? ILE A 70 ? THR A 61 ILE A 70 
B 3 ALA A 74 ? ILE A 81 ? ALA A 74 ILE A 81 
B 4 LYS A 84 ? LYS A 88 ? LYS A 84 LYS A 88 
# 
loop_
_pdbx_struct_sheet_hbond.sheet_id 
_pdbx_struct_sheet_hbond.range_id_1 
_pdbx_struct_sheet_hbond.range_id_2 
_pdbx_struct_sheet_hbond.range_1_label_atom_id 
_pdbx_struct_sheet_hbond.range_1_label_comp_id 
_pdbx_struct_sheet_hbond.range_1_label_asym_id 
_pdbx_struct_sheet_hbond.range_1_label_seq_id 
_pdbx_struct_sheet_hbond.range_1_PDB_ins_code 
_pdbx_struct_sheet_hbond.range_1_auth_atom_id 
_pdbx_struct_sheet_hbond.range_1_auth_comp_id 
_pdbx_struct_sheet_hbond.range_1_auth_asym_id 
_pdbx_struct_sheet_hbond.range_1_auth_seq_id 
_pdbx_struct_sheet_hbond.range_2_label_atom_id 
_pdbx_struct_sheet_hbond.range_2_label_comp_id 
_pdbx_struct_sheet_hbond.range_2_label_asym_id 
_pdbx_struct_sheet_hbond.range_2_label_seq_id 
_pdbx_struct_sheet_hbond.range_2_PDB_ins_code 
_pdbx_struct_sheet_hbond.range_2_auth_atom_id 
_pdbx_struct_sheet_hbond.range_2_auth_comp_id 
_pdbx_struct_sheet_hbond.range_2_auth_asym_id 
_pdbx_struct_sheet_hbond.range_2_auth_seq_id 
A 1 2 N LEU A 12 ? N LEU A 12 O GLY A 15 ? O GLY A 15 
A 2 3 N GLU A 20 ? N GLU A 20 O TYR A 33 ? O TYR A 33 
A 3 4 N VAL A 32 ? N VAL A 32 O GLU A 39 ? O GLU A 39 
B 1 2 N GLY A 50 ? N GLY A 50 O ILE A 67 ? O ILE A 67 
B 2 3 N ASN A 66 ? N ASN A 66 O THR A 78 ? O THR A 78 
B 3 4 N TYR A 77 ? N TYR A 77 O LYS A 88 ? O LYS A 88 
# 
loop_
_chem_comp_atom.comp_id 
_chem_comp_atom.atom_id 
_chem_comp_atom.type_symbol 
_chem_comp_atom.pdbx_aromatic_flag 
_chem_comp_atom.pdbx_stereo_config 
_chem_comp_atom.pdbx_ordinal 
ALA N    N N N 1   
ALA CA   C N S 2   
ALA C    C N N 3   
ALA O    O N N 4   
ALA CB   C N N 5   
ALA OXT  O N N 6   
ALA H    H N N 7   
ALA H2   H N N 8   
ALA HA   H N N 9   
ALA HB1  H N N 10  
ALA HB2  H N N 11  
ALA HB3  H N N 12  
ALA HXT  H N N 13  
ARG N    N N N 14  
ARG CA   C N S 15  
ARG C    C N N 16  
ARG O    O N N 17  
ARG CB   C N N 18  
ARG CG   C N N 19  
ARG CD   C N N 20  
ARG NE   N N N 21  
ARG CZ   C N N 22  
ARG NH1  N N N 23  
ARG NH2  N N N 24  
ARG OXT  O N N 25  
ARG H    H N N 26  
ARG H2   H N N 27  
ARG HA   H N N 28  
ARG HB2  H N N 29  
ARG HB3  H N N 30  
ARG HG2  H N N 31  
ARG HG3  H N N 32  
ARG HD2  H N N 33  
ARG HD3  H N N 34  
ARG HE   H N N 35  
ARG HH11 H N N 36  
ARG HH12 H N N 37  
ARG HH21 H N N 38  
ARG HH22 H N N 39  
ARG HXT  H N N 40  
ASN N    N N N 41  
ASN CA   C N S 42  
ASN C    C N N 43  
ASN O    O N N 44  
ASN CB   C N N 45  
ASN CG   C N N 46  
ASN OD1  O N N 47  
ASN ND2  N N N 48  
ASN OXT  O N N 49  
ASN H    H N N 50  
ASN H2   H N N 51  
ASN HA   H N N 52  
ASN HB2  H N N 53  
ASN HB3  H N N 54  
ASN HD21 H N N 55  
ASN HD22 H N N 56  
ASN HXT  H N N 57  
ASP N    N N N 58  
ASP CA   C N S 59  
ASP C    C N N 60  
ASP O    O N N 61  
ASP CB   C N N 62  
ASP CG   C N N 63  
ASP OD1  O N N 64  
ASP OD2  O N N 65  
ASP OXT  O N N 66  
ASP H    H N N 67  
ASP H2   H N N 68  
ASP HA   H N N 69  
ASP HB2  H N N 70  
ASP HB3  H N N 71  
ASP HD2  H N N 72  
ASP HXT  H N N 73  
GLU N    N N N 74  
GLU CA   C N S 75  
GLU C    C N N 76  
GLU O    O N N 77  
GLU CB   C N N 78  
GLU CG   C N N 79  
GLU CD   C N N 80  
GLU OE1  O N N 81  
GLU OE2  O N N 82  
GLU OXT  O N N 83  
GLU H    H N N 84  
GLU H2   H N N 85  
GLU HA   H N N 86  
GLU HB2  H N N 87  
GLU HB3  H N N 88  
GLU HG2  H N N 89  
GLU HG3  H N N 90  
GLU HE2  H N N 91  
GLU HXT  H N N 92  
GLY N    N N N 93  
GLY CA   C N N 94  
GLY C    C N N 95  
GLY O    O N N 96  
GLY OXT  O N N 97  
GLY H    H N N 98  
GLY H2   H N N 99  
GLY HA2  H N N 100 
GLY HA3  H N N 101 
GLY HXT  H N N 102 
HIS N    N N N 103 
HIS CA   C N S 104 
HIS C    C N N 105 
HIS O    O N N 106 
HIS CB   C N N 107 
HIS CG   C Y N 108 
HIS ND1  N Y N 109 
HIS CD2  C Y N 110 
HIS CE1  C Y N 111 
HIS NE2  N Y N 112 
HIS OXT  O N N 113 
HIS H    H N N 114 
HIS H2   H N N 115 
HIS HA   H N N 116 
HIS HB2  H N N 117 
HIS HB3  H N N 118 
HIS HD1  H N N 119 
HIS HD2  H N N 120 
HIS HE1  H N N 121 
HIS HE2  H N N 122 
HIS HXT  H N N 123 
HOH O    O N N 124 
HOH H1   H N N 125 
HOH H2   H N N 126 
ILE N    N N N 127 
ILE CA   C N S 128 
ILE C    C N N 129 
ILE O    O N N 130 
ILE CB   C N S 131 
ILE CG1  C N N 132 
ILE CG2  C N N 133 
ILE CD1  C N N 134 
ILE OXT  O N N 135 
ILE H    H N N 136 
ILE H2   H N N 137 
ILE HA   H N N 138 
ILE HB   H N N 139 
ILE HG12 H N N 140 
ILE HG13 H N N 141 
ILE HG21 H N N 142 
ILE HG22 H N N 143 
ILE HG23 H N N 144 
ILE HD11 H N N 145 
ILE HD12 H N N 146 
ILE HD13 H N N 147 
ILE HXT  H N N 148 
LEU N    N N N 149 
LEU CA   C N S 150 
LEU C    C N N 151 
LEU O    O N N 152 
LEU CB   C N N 153 
LEU CG   C N N 154 
LEU CD1  C N N 155 
LEU CD2  C N N 156 
LEU OXT  O N N 157 
LEU H    H N N 158 
LEU H2   H N N 159 
LEU HA   H N N 160 
LEU HB2  H N N 161 
LEU HB3  H N N 162 
LEU HG   H N N 163 
LEU HD11 H N N 164 
LEU HD12 H N N 165 
LEU HD13 H N N 166 
LEU HD21 H N N 167 
LEU HD22 H N N 168 
LEU HD23 H N N 169 
LEU HXT  H N N 170 
LYS N    N N N 171 
LYS CA   C N S 172 
LYS C    C N N 173 
LYS O    O N N 174 
LYS CB   C N N 175 
LYS CG   C N N 176 
LYS CD   C N N 177 
LYS CE   C N N 178 
LYS NZ   N N N 179 
LYS OXT  O N N 180 
LYS H    H N N 181 
LYS H2   H N N 182 
LYS HA   H N N 183 
LYS HB2  H N N 184 
LYS HB3  H N N 185 
LYS HG2  H N N 186 
LYS HG3  H N N 187 
LYS HD2  H N N 188 
LYS HD3  H N N 189 
LYS HE2  H N N 190 
LYS HE3  H N N 191 
LYS HZ1  H N N 192 
LYS HZ2  H N N 193 
LYS HZ3  H N N 194 
LYS HXT  H N N 195 
MET N    N N N 196 
MET CA   C N S 197 
MET C    C N N 198 
MET O    O N N 199 
MET CB   C N N 200 
MET CG   C N N 201 
MET SD   S N N 202 
MET CE   C N N 203 
MET OXT  O N N 204 
MET H    H N N 205 
MET H2   H N N 206 
MET HA   H N N 207 
MET HB2  H N N 208 
MET HB3  H N N 209 
MET HG2  H N N 210 
MET HG3  H N N 211 
MET HE1  H N N 212 
MET HE2  H N N 213 
MET HE3  H N N 214 
MET HXT  H N N 215 
PHE N    N N N 216 
PHE CA   C N S 217 
PHE C    C N N 218 
PHE O    O N N 219 
PHE CB   C N N 220 
PHE CG   C Y N 221 
PHE CD1  C Y N 222 
PHE CD2  C Y N 223 
PHE CE1  C Y N 224 
PHE CE2  C Y N 225 
PHE CZ   C Y N 226 
PHE OXT  O N N 227 
PHE H    H N N 228 
PHE H2   H N N 229 
PHE HA   H N N 230 
PHE HB2  H N N 231 
PHE HB3  H N N 232 
PHE HD1  H N N 233 
PHE HD2  H N N 234 
PHE HE1  H N N 235 
PHE HE2  H N N 236 
PHE HZ   H N N 237 
PHE HXT  H N N 238 
SER N    N N N 239 
SER CA   C N S 240 
SER C    C N N 241 
SER O    O N N 242 
SER CB   C N N 243 
SER OG   O N N 244 
SER OXT  O N N 245 
SER H    H N N 246 
SER H2   H N N 247 
SER HA   H N N 248 
SER HB2  H N N 249 
SER HB3  H N N 250 
SER HG   H N N 251 
SER HXT  H N N 252 
THR N    N N N 253 
THR CA   C N S 254 
THR C    C N N 255 
THR O    O N N 256 
THR CB   C N R 257 
THR OG1  O N N 258 
THR CG2  C N N 259 
THR OXT  O N N 260 
THR H    H N N 261 
THR H2   H N N 262 
THR HA   H N N 263 
THR HB   H N N 264 
THR HG1  H N N 265 
THR HG21 H N N 266 
THR HG22 H N N 267 
THR HG23 H N N 268 
THR HXT  H N N 269 
TRP N    N N N 270 
TRP CA   C N S 271 
TRP C    C N N 272 
TRP O    O N N 273 
TRP CB   C N N 274 
TRP CG   C Y N 275 
TRP CD1  C Y N 276 
TRP CD2  C Y N 277 
TRP NE1  N Y N 278 
TRP CE2  C Y N 279 
TRP CE3  C Y N 280 
TRP CZ2  C Y N 281 
TRP CZ3  C Y N 282 
TRP CH2  C Y N 283 
TRP OXT  O N N 284 
TRP H    H N N 285 
TRP H2   H N N 286 
TRP HA   H N N 287 
TRP HB2  H N N 288 
TRP HB3  H N N 289 
TRP HD1  H N N 290 
TRP HE1  H N N 291 
TRP HE3  H N N 292 
TRP HZ2  H N N 293 
TRP HZ3  H N N 294 
TRP HH2  H N N 295 
TRP HXT  H N N 296 
TYR N    N N N 297 
TYR CA   C N S 298 
TYR C    C N N 299 
TYR O    O N N 300 
TYR CB   C N N 301 
TYR CG   C Y N 302 
TYR CD1  C Y N 303 
TYR CD2  C Y N 304 
TYR CE1  C Y N 305 
TYR CE2  C Y N 306 
TYR CZ   C Y N 307 
TYR OH   O N N 308 
TYR OXT  O N N 309 
TYR H    H N N 310 
TYR H2   H N N 311 
TYR HA   H N N 312 
TYR HB2  H N N 313 
TYR HB3  H N N 314 
TYR HD1  H N N 315 
TYR HD2  H N N 316 
TYR HE1  H N N 317 
TYR HE2  H N N 318 
TYR HH   H N N 319 
TYR HXT  H N N 320 
VAL N    N N N 321 
VAL CA   C N S 322 
VAL C    C N N 323 
VAL O    O N N 324 
VAL CB   C N N 325 
VAL CG1  C N N 326 
VAL CG2  C N N 327 
VAL OXT  O N N 328 
VAL H    H N N 329 
VAL H2   H N N 330 
VAL HA   H N N 331 
VAL HB   H N N 332 
VAL HG11 H N N 333 
VAL HG12 H N N 334 
VAL HG13 H N N 335 
VAL HG21 H N N 336 
VAL HG22 H N N 337 
VAL HG23 H N N 338 
VAL HXT  H N N 339 
# 
loop_
_chem_comp_bond.comp_id 
_chem_comp_bond.atom_id_1 
_chem_comp_bond.atom_id_2 
_chem_comp_bond.value_order 
_chem_comp_bond.pdbx_aromatic_flag 
_chem_comp_bond.pdbx_stereo_config 
_chem_comp_bond.pdbx_ordinal 
ALA N   CA   sing N N 1   
ALA N   H    sing N N 2   
ALA N   H2   sing N N 3   
ALA CA  C    sing N N 4   
ALA CA  CB   sing N N 5   
ALA CA  HA   sing N N 6   
ALA C   O    doub N N 7   
ALA C   OXT  sing N N 8   
ALA CB  HB1  sing N N 9   
ALA CB  HB2  sing N N 10  
ALA CB  HB3  sing N N 11  
ALA OXT HXT  sing N N 12  
ARG N   CA   sing N N 13  
ARG N   H    sing N N 14  
ARG N   H2   sing N N 15  
ARG CA  C    sing N N 16  
ARG CA  CB   sing N N 17  
ARG CA  HA   sing N N 18  
ARG C   O    doub N N 19  
ARG C   OXT  sing N N 20  
ARG CB  CG   sing N N 21  
ARG CB  HB2  sing N N 22  
ARG CB  HB3  sing N N 23  
ARG CG  CD   sing N N 24  
ARG CG  HG2  sing N N 25  
ARG CG  HG3  sing N N 26  
ARG CD  NE   sing N N 27  
ARG CD  HD2  sing N N 28  
ARG CD  HD3  sing N N 29  
ARG NE  CZ   sing N N 30  
ARG NE  HE   sing N N 31  
ARG CZ  NH1  sing N N 32  
ARG CZ  NH2  doub N N 33  
ARG NH1 HH11 sing N N 34  
ARG NH1 HH12 sing N N 35  
ARG NH2 HH21 sing N N 36  
ARG NH2 HH22 sing N N 37  
ARG OXT HXT  sing N N 38  
ASN N   CA   sing N N 39  
ASN N   H    sing N N 40  
ASN N   H2   sing N N 41  
ASN CA  C    sing N N 42  
ASN CA  CB   sing N N 43  
ASN CA  HA   sing N N 44  
ASN C   O    doub N N 45  
ASN C   OXT  sing N N 46  
ASN CB  CG   sing N N 47  
ASN CB  HB2  sing N N 48  
ASN CB  HB3  sing N N 49  
ASN CG  OD1  doub N N 50  
ASN CG  ND2  sing N N 51  
ASN ND2 HD21 sing N N 52  
ASN ND2 HD22 sing N N 53  
ASN OXT HXT  sing N N 54  
ASP N   CA   sing N N 55  
ASP N   H    sing N N 56  
ASP N   H2   sing N N 57  
ASP CA  C    sing N N 58  
ASP CA  CB   sing N N 59  
ASP CA  HA   sing N N 60  
ASP C   O    doub N N 61  
ASP C   OXT  sing N N 62  
ASP CB  CG   sing N N 63  
ASP CB  HB2  sing N N 64  
ASP CB  HB3  sing N N 65  
ASP CG  OD1  doub N N 66  
ASP CG  OD2  sing N N 67  
ASP OD2 HD2  sing N N 68  
ASP OXT HXT  sing N N 69  
GLU N   CA   sing N N 70  
GLU N   H    sing N N 71  
GLU N   H2   sing N N 72  
GLU CA  C    sing N N 73  
GLU CA  CB   sing N N 74  
GLU CA  HA   sing N N 75  
GLU C   O    doub N N 76  
GLU C   OXT  sing N N 77  
GLU CB  CG   sing N N 78  
GLU CB  HB2  sing N N 79  
GLU CB  HB3  sing N N 80  
GLU CG  CD   sing N N 81  
GLU CG  HG2  sing N N 82  
GLU CG  HG3  sing N N 83  
GLU CD  OE1  doub N N 84  
GLU CD  OE2  sing N N 85  
GLU OE2 HE2  sing N N 86  
GLU OXT HXT  sing N N 87  
GLY N   CA   sing N N 88  
GLY N   H    sing N N 89  
GLY N   H2   sing N N 90  
GLY CA  C    sing N N 91  
GLY CA  HA2  sing N N 92  
GLY CA  HA3  sing N N 93  
GLY C   O    doub N N 94  
GLY C   OXT  sing N N 95  
GLY OXT HXT  sing N N 96  
HIS N   CA   sing N N 97  
HIS N   H    sing N N 98  
HIS N   H2   sing N N 99  
HIS CA  C    sing N N 100 
HIS CA  CB   sing N N 101 
HIS CA  HA   sing N N 102 
HIS C   O    doub N N 103 
HIS C   OXT  sing N N 104 
HIS CB  CG   sing N N 105 
HIS CB  HB2  sing N N 106 
HIS CB  HB3  sing N N 107 
HIS CG  ND1  sing Y N 108 
HIS CG  CD2  doub Y N 109 
HIS ND1 CE1  doub Y N 110 
HIS ND1 HD1  sing N N 111 
HIS CD2 NE2  sing Y N 112 
HIS CD2 HD2  sing N N 113 
HIS CE1 NE2  sing Y N 114 
HIS CE1 HE1  sing N N 115 
HIS NE2 HE2  sing N N 116 
HIS OXT HXT  sing N N 117 
HOH O   H1   sing N N 118 
HOH O   H2   sing N N 119 
ILE N   CA   sing N N 120 
ILE N   H    sing N N 121 
ILE N   H2   sing N N 122 
ILE CA  C    sing N N 123 
ILE CA  CB   sing N N 124 
ILE CA  HA   sing N N 125 
ILE C   O    doub N N 126 
ILE C   OXT  sing N N 127 
ILE CB  CG1  sing N N 128 
ILE CB  CG2  sing N N 129 
ILE CB  HB   sing N N 130 
ILE CG1 CD1  sing N N 131 
ILE CG1 HG12 sing N N 132 
ILE CG1 HG13 sing N N 133 
ILE CG2 HG21 sing N N 134 
ILE CG2 HG22 sing N N 135 
ILE CG2 HG23 sing N N 136 
ILE CD1 HD11 sing N N 137 
ILE CD1 HD12 sing N N 138 
ILE CD1 HD13 sing N N 139 
ILE OXT HXT  sing N N 140 
LEU N   CA   sing N N 141 
LEU N   H    sing N N 142 
LEU N   H2   sing N N 143 
LEU CA  C    sing N N 144 
LEU CA  CB   sing N N 145 
LEU CA  HA   sing N N 146 
LEU C   O    doub N N 147 
LEU C   OXT  sing N N 148 
LEU CB  CG   sing N N 149 
LEU CB  HB2  sing N N 150 
LEU CB  HB3  sing N N 151 
LEU CG  CD1  sing N N 152 
LEU CG  CD2  sing N N 153 
LEU CG  HG   sing N N 154 
LEU CD1 HD11 sing N N 155 
LEU CD1 HD12 sing N N 156 
LEU CD1 HD13 sing N N 157 
LEU CD2 HD21 sing N N 158 
LEU CD2 HD22 sing N N 159 
LEU CD2 HD23 sing N N 160 
LEU OXT HXT  sing N N 161 
LYS N   CA   sing N N 162 
LYS N   H    sing N N 163 
LYS N   H2   sing N N 164 
LYS CA  C    sing N N 165 
LYS CA  CB   sing N N 166 
LYS CA  HA   sing N N 167 
LYS C   O    doub N N 168 
LYS C   OXT  sing N N 169 
LYS CB  CG   sing N N 170 
LYS CB  HB2  sing N N 171 
LYS CB  HB3  sing N N 172 
LYS CG  CD   sing N N 173 
LYS CG  HG2  sing N N 174 
LYS CG  HG3  sing N N 175 
LYS CD  CE   sing N N 176 
LYS CD  HD2  sing N N 177 
LYS CD  HD3  sing N N 178 
LYS CE  NZ   sing N N 179 
LYS CE  HE2  sing N N 180 
LYS CE  HE3  sing N N 181 
LYS NZ  HZ1  sing N N 182 
LYS NZ  HZ2  sing N N 183 
LYS NZ  HZ3  sing N N 184 
LYS OXT HXT  sing N N 185 
MET N   CA   sing N N 186 
MET N   H    sing N N 187 
MET N   H2   sing N N 188 
MET CA  C    sing N N 189 
MET CA  CB   sing N N 190 
MET CA  HA   sing N N 191 
MET C   O    doub N N 192 
MET C   OXT  sing N N 193 
MET CB  CG   sing N N 194 
MET CB  HB2  sing N N 195 
MET CB  HB3  sing N N 196 
MET CG  SD   sing N N 197 
MET CG  HG2  sing N N 198 
MET CG  HG3  sing N N 199 
MET SD  CE   sing N N 200 
MET CE  HE1  sing N N 201 
MET CE  HE2  sing N N 202 
MET CE  HE3  sing N N 203 
MET OXT HXT  sing N N 204 
PHE N   CA   sing N N 205 
PHE N   H    sing N N 206 
PHE N   H2   sing N N 207 
PHE CA  C    sing N N 208 
PHE CA  CB   sing N N 209 
PHE CA  HA   sing N N 210 
PHE C   O    doub N N 211 
PHE C   OXT  sing N N 212 
PHE CB  CG   sing N N 213 
PHE CB  HB2  sing N N 214 
PHE CB  HB3  sing N N 215 
PHE CG  CD1  doub Y N 216 
PHE CG  CD2  sing Y N 217 
PHE CD1 CE1  sing Y N 218 
PHE CD1 HD1  sing N N 219 
PHE CD2 CE2  doub Y N 220 
PHE CD2 HD2  sing N N 221 
PHE CE1 CZ   doub Y N 222 
PHE CE1 HE1  sing N N 223 
PHE CE2 CZ   sing Y N 224 
PHE CE2 HE2  sing N N 225 
PHE CZ  HZ   sing N N 226 
PHE OXT HXT  sing N N 227 
SER N   CA   sing N N 228 
SER N   H    sing N N 229 
SER N   H2   sing N N 230 
SER CA  C    sing N N 231 
SER CA  CB   sing N N 232 
SER CA  HA   sing N N 233 
SER C   O    doub N N 234 
SER C   OXT  sing N N 235 
SER CB  OG   sing N N 236 
SER CB  HB2  sing N N 237 
SER CB  HB3  sing N N 238 
SER OG  HG   sing N N 239 
SER OXT HXT  sing N N 240 
THR N   CA   sing N N 241 
THR N   H    sing N N 242 
THR N   H2   sing N N 243 
THR CA  C    sing N N 244 
THR CA  CB   sing N N 245 
THR CA  HA   sing N N 246 
THR C   O    doub N N 247 
THR C   OXT  sing N N 248 
THR CB  OG1  sing N N 249 
THR CB  CG2  sing N N 250 
THR CB  HB   sing N N 251 
THR OG1 HG1  sing N N 252 
THR CG2 HG21 sing N N 253 
THR CG2 HG22 sing N N 254 
THR CG2 HG23 sing N N 255 
THR OXT HXT  sing N N 256 
TRP N   CA   sing N N 257 
TRP N   H    sing N N 258 
TRP N   H2   sing N N 259 
TRP CA  C    sing N N 260 
TRP CA  CB   sing N N 261 
TRP CA  HA   sing N N 262 
TRP C   O    doub N N 263 
TRP C   OXT  sing N N 264 
TRP CB  CG   sing N N 265 
TRP CB  HB2  sing N N 266 
TRP CB  HB3  sing N N 267 
TRP CG  CD1  doub Y N 268 
TRP CG  CD2  sing Y N 269 
TRP CD1 NE1  sing Y N 270 
TRP CD1 HD1  sing N N 271 
TRP CD2 CE2  doub Y N 272 
TRP CD2 CE3  sing Y N 273 
TRP NE1 CE2  sing Y N 274 
TRP NE1 HE1  sing N N 275 
TRP CE2 CZ2  sing Y N 276 
TRP CE3 CZ3  doub Y N 277 
TRP CE3 HE3  sing N N 278 
TRP CZ2 CH2  doub Y N 279 
TRP CZ2 HZ2  sing N N 280 
TRP CZ3 CH2  sing Y N 281 
TRP CZ3 HZ3  sing N N 282 
TRP CH2 HH2  sing N N 283 
TRP OXT HXT  sing N N 284 
TYR N   CA   sing N N 285 
TYR N   H    sing N N 286 
TYR N   H2   sing N N 287 
TYR CA  C    sing N N 288 
TYR CA  CB   sing N N 289 
TYR CA  HA   sing N N 290 
TYR C   O    doub N N 291 
TYR C   OXT  sing N N 292 
TYR CB  CG   sing N N 293 
TYR CB  HB2  sing N N 294 
TYR CB  HB3  sing N N 295 
TYR CG  CD1  doub Y N 296 
TYR CG  CD2  sing Y N 297 
TYR CD1 CE1  sing Y N 298 
TYR CD1 HD1  sing N N 299 
TYR CD2 CE2  doub Y N 300 
TYR CD2 HD2  sing N N 301 
TYR CE1 CZ   doub Y N 302 
TYR CE1 HE1  sing N N 303 
TYR CE2 CZ   sing Y N 304 
TYR CE2 HE2  sing N N 305 
TYR CZ  OH   sing N N 306 
TYR OH  HH   sing N N 307 
TYR OXT HXT  sing N N 308 
VAL N   CA   sing N N 309 
VAL N   H    sing N N 310 
VAL N   H2   sing N N 311 
VAL CA  C    sing N N 312 
VAL CA  CB   sing N N 313 
VAL CA  HA   sing N N 314 
VAL C   O    doub N N 315 
VAL C   OXT  sing N N 316 
VAL CB  CG1  sing N N 317 
VAL CB  CG2  sing N N 318 
VAL CB  HB   sing N N 319 
VAL CG1 HG11 sing N N 320 
VAL CG1 HG12 sing N N 321 
VAL CG1 HG13 sing N N 322 
VAL CG2 HG21 sing N N 323 
VAL CG2 HG22 sing N N 324 
VAL CG2 HG23 sing N N 325 
VAL OXT HXT  sing N N 326 
# 
_atom_sites.entry_id                    3MX7 
_atom_sites.fract_transf_matrix[1][1]   -0.00826100 
_atom_sites.fract_transf_matrix[1][2]   0.01336974 
_atom_sites.fract_transf_matrix[1][3]   -0.01268723 
_atom_sites.fract_transf_matrix[2][1]   -0.01983122 
_atom_sites.fract_transf_matrix[2][2]   -0.00058947 
_atom_sites.fract_transf_matrix[2][3]   -0.00378608 
_atom_sites.fract_transf_matrix[3][1]   -0.00235102 
_atom_sites.fract_transf_matrix[3][2]   0.00891587 
_atom_sites.fract_transf_matrix[3][3]   0.01092631 
_atom_sites.fract_transf_vector[1]      0.843258 
_atom_sites.fract_transf_vector[2]      0.409211 
_atom_sites.fract_transf_vector[3]      0.041851 
# 
loop_
_atom_type.symbol 
C 
N 
O 
S 
# 
loop_
_atom_site.group_PDB 
_atom_site.id 
_atom_site.type_symbol 
_atom_site.label_atom_id 
_atom_site.label_alt_id 
_atom_site.label_comp_id 
_atom_site.label_asym_id 
_atom_site.label_entity_id 
_atom_site.label_seq_id 
_atom_site.pdbx_PDB_ins_code 
_atom_site.Cartn_x 
_atom_site.Cartn_y 
_atom_site.Cartn_z 
_atom_site.occupancy 
_atom_site.B_iso_or_equiv 
_atom_site.pdbx_formal_charge 
_atom_site.auth_seq_id 
_atom_site.auth_comp_id 
_atom_site.auth_asym_id 
_atom_site.auth_atom_id 
_atom_site.pdbx_PDB_model_num 
ATOM   1   N N   . MET A 1 1  ? 13.149  5.026   3.565   1.00 31.67 ? 1   MET A N   1 
ATOM   2   C CA  . MET A 1 1  ? 11.775  4.460   3.883   1.00 30.02 ? 1   MET A CA  1 
ATOM   3   C C   . MET A 1 1  ? 11.809  3.585   5.157   1.00 30.20 ? 1   MET A C   1 
ATOM   4   O O   . MET A 1 1  ? 11.692  2.311   5.156   1.00 29.00 ? 1   MET A O   1 
ATOM   5   C CB  . MET A 1 1  ? 11.190  3.697   2.694   1.00 29.98 ? 1   MET A CB  1 
ATOM   6   C CG  . MET A 1 1  ? 10.565  4.529   1.569   1.00 27.83 ? 1   MET A CG  1 
ATOM   7   S SD  . MET A 1 1  ? 10.036  3.412   0.246   1.00 23.85 ? 1   MET A SD  1 
ATOM   8   C CE  . MET A 1 1  ? 11.461  2.302   0.166   1.00 30.21 ? 1   MET A CE  1 
ATOM   9   N N   . THR A 1 2  ? 11.887  4.275   6.286   1.00 29.29 ? 2   THR A N   1 
ATOM   10  C CA  . THR A 1 2  ? 12.160  3.537   7.509   1.00 28.86 ? 2   THR A CA  1 
ATOM   11  C C   . THR A 1 2  ? 10.924  2.768   8.030   1.00 26.61 ? 2   THR A C   1 
ATOM   12  O O   . THR A 1 2  ? 11.102  1.770   8.740   1.00 28.19 ? 2   THR A O   1 
ATOM   13  C CB  . THR A 1 2  ? 12.737  4.445   8.596   1.00 29.91 ? 2   THR A CB  1 
ATOM   14  O OG1 . THR A 1 2  ? 11.811  5.515   8.815   1.00 32.61 ? 2   THR A OG1 1 
ATOM   15  C CG2 . THR A 1 2  ? 14.102  5.001   8.132   1.00 31.32 ? 2   THR A CG2 1 
ATOM   16  N N   . ASP A 1 3  ? 9.705   3.125   7.598   1.00 22.37 ? 3   ASP A N   1 
ATOM   17  C CA  . ASP A 1 3  ? 8.550   2.329   8.010   1.00 19.19 ? 3   ASP A CA  1 
ATOM   18  C C   . ASP A 1 3  ? 8.023   1.475   6.861   1.00 16.31 ? 3   ASP A C   1 
ATOM   19  O O   . ASP A 1 3  ? 6.829   1.171   6.852   1.00 14.20 ? 3   ASP A O   1 
ATOM   20  C CB  . ASP A 1 3  ? 7.396   3.206   8.516   1.00 19.83 ? 3   ASP A CB  1 
ATOM   21  C CG  . ASP A 1 3  ? 7.744   3.977   9.795   1.00 25.71 ? 3   ASP A CG  1 
ATOM   22  O OD1 . ASP A 1 3  ? 8.278   3.338   10.726  1.00 25.80 ? 3   ASP A OD1 1 
ATOM   23  O OD2 . ASP A 1 3  ? 7.434   5.208   9.862   1.00 28.17 ? 3   ASP A OD2 1 
ATOM   24  N N   . LEU A 1 4  ? 8.875   1.125   5.891   1.00 13.67 ? 4   LEU A N   1 
ATOM   25  C CA  . LEU A 1 4  ? 8.399   0.209   4.807   1.00 12.28 ? 4   LEU A CA  1 
ATOM   26  C C   . LEU A 1 4  ? 7.806   -1.075  5.392   1.00 12.87 ? 4   LEU A C   1 
ATOM   27  O O   . LEU A 1 4  ? 8.461   -1.799  6.209   1.00 12.99 ? 4   LEU A O   1 
ATOM   28  C CB  . LEU A 1 4  ? 9.592   -0.150  3.901   1.00 13.15 ? 4   LEU A CB  1 
ATOM   29  C CG  . LEU A 1 4  ? 9.247   -0.964  2.638   1.00 13.24 ? 4   LEU A CG  1 
ATOM   30  C CD1 . LEU A 1 4  ? 8.346   -0.152  1.705   1.00 15.30 ? 4   LEU A CD1 1 
ATOM   31  C CD2 . LEU A 1 4  ? 10.504  -1.427  1.913   1.00 13.85 ? 4   LEU A CD2 1 
ATOM   32  N N   . VAL A 1 5  ? 6.603   -1.440  4.931   1.00 10.73 ? 5   VAL A N   1 
ATOM   33  C CA  . VAL A 1 5  ? 5.966   -2.683  5.365   1.00 10.96 ? 5   VAL A CA  1 
ATOM   34  C C   . VAL A 1 5  ? 5.648   -3.641  4.199   1.00 11.87 ? 5   VAL A C   1 
ATOM   35  O O   . VAL A 1 5  ? 5.362   -4.824  4.419   1.00 12.72 ? 5   VAL A O   1 
ATOM   36  C CB  . VAL A 1 5  ? 4.657   -2.446  6.200   1.00 10.75 ? 5   VAL A CB  1 
ATOM   37  C CG1 . VAL A 1 5  ? 4.959   -1.711  7.530   1.00 9.48  ? 5   VAL A CG1 1 
ATOM   38  C CG2 . VAL A 1 5  ? 3.533   -1.723  5.371   1.00 10.72 ? 5   VAL A CG2 1 
ATOM   39  N N   . ALA A 1 6  ? 5.580   -3.117  2.983   1.00 12.64 ? 6   ALA A N   1 
ATOM   40  C CA  . ALA A 1 6  ? 5.158   -3.946  1.835   1.00 11.83 ? 6   ALA A CA  1 
ATOM   41  C C   . ALA A 1 6  ? 5.638   -3.342  0.515   1.00 11.92 ? 6   ALA A C   1 
ATOM   42  O O   . ALA A 1 6  ? 5.648   -2.108  0.322   1.00 10.90 ? 6   ALA A O   1 
ATOM   43  C CB  . ALA A 1 6  ? 3.630   -4.117  1.807   1.00 12.68 ? 6   ALA A CB  1 
ATOM   44  N N   . VAL A 1 7  ? 5.964   -4.235  -0.421  1.00 11.44 ? 7   VAL A N   1 
ATOM   45  C CA  . VAL A 1 7  ? 6.349   -3.841  -1.773  1.00 11.66 ? 7   VAL A CA  1 
ATOM   46  C C   . VAL A 1 7  ? 5.646   -4.813  -2.707  1.00 12.35 ? 7   VAL A C   1 
ATOM   47  O O   . VAL A 1 7  ? 5.591   -6.010  -2.414  1.00 13.43 ? 7   VAL A O   1 
ATOM   48  C CB  . VAL A 1 7  ? 7.871   -4.002  -1.991  1.00 11.84 ? 7   VAL A CB  1 
ATOM   49  C CG1 . VAL A 1 7  ? 8.226   -3.730  -3.436  1.00 14.60 ? 7   VAL A CG1 1 
ATOM   50  C CG2 . VAL A 1 7  ? 8.641   -3.039  -1.036  1.00 12.40 ? 7   VAL A CG2 1 
ATOM   51  N N   . TRP A 1 8  ? 5.032   -4.294  -3.773  1.00 11.06 ? 8   TRP A N   1 
ATOM   52  C CA  . TRP A 1 8  ? 4.428   -5.161  -4.788  1.00 12.88 ? 8   TRP A CA  1 
ATOM   53  C C   . TRP A 1 8  ? 4.988   -4.805  -6.159  1.00 14.20 ? 8   TRP A C   1 
ATOM   54  O O   . TRP A 1 8  ? 5.113   -3.621  -6.524  1.00 13.20 ? 8   TRP A O   1 
ATOM   55  C CB  . TRP A 1 8  ? 2.895   -5.029  -4.824  1.00 11.58 ? 8   TRP A CB  1 
ATOM   56  C CG  . TRP A 1 8  ? 2.216   -5.470  -3.581  1.00 11.54 ? 8   TRP A CG  1 
ATOM   57  C CD1 . TRP A 1 8  ? 1.647   -6.679  -3.358  1.00 13.16 ? 8   TRP A CD1 1 
ATOM   58  C CD2 . TRP A 1 8  ? 1.844   -4.634  -2.459  1.00 11.16 ? 8   TRP A CD2 1 
ATOM   59  N NE1 . TRP A 1 8  ? 1.056   -6.702  -2.112  1.00 11.56 ? 8   TRP A NE1 1 
ATOM   60  C CE2 . TRP A 1 8  ? 1.138   -5.450  -1.557  1.00 12.48 ? 8   TRP A CE2 1 
ATOM   61  C CE3 . TRP A 1 8  ? 2.132   -3.292  -2.103  1.00 11.44 ? 8   TRP A CE3 1 
ATOM   62  C CZ2 . TRP A 1 8  ? 0.616   -4.973  -0.374  1.00 12.50 ? 8   TRP A CZ2 1 
ATOM   63  C CZ3 . TRP A 1 8  ? 1.600   -2.792  -0.899  1.00 10.52 ? 8   TRP A CZ3 1 
ATOM   64  C CH2 . TRP A 1 8  ? 0.848   -3.645  -0.050  1.00 11.17 ? 8   TRP A CH2 1 
ATOM   65  N N   . ASP A 1 9  ? 5.284   -5.838  -6.946  1.00 15.75 ? 9   ASP A N   1 
ATOM   66  C CA  . ASP A 1 9  ? 5.840   -5.645  -8.296  1.00 17.59 ? 9   ASP A CA  1 
ATOM   67  C C   . ASP A 1 9  ? 4.773   -6.181  -9.247  1.00 17.17 ? 9   ASP A C   1 
ATOM   68  O O   . ASP A 1 9  ? 4.391   -7.337  -9.119  1.00 18.24 ? 9   ASP A O   1 
ATOM   69  C CB  . ASP A 1 9  ? 7.115   -6.510  -8.474  1.00 18.62 ? 9   ASP A CB  1 
ATOM   70  C CG  . ASP A 1 9  ? 8.187   -6.205  -7.420  1.00 22.29 ? 9   ASP A CG  1 
ATOM   71  O OD1 . ASP A 1 9  ? 8.582   -5.031  -7.417  1.00 19.54 ? 9   ASP A OD1 1 
ATOM   72  O OD2 . ASP A 1 9  ? 8.700   -7.166  -6.719  1.00 24.10 ? 9   ASP A OD2 1 
ATOM   73  N N   . VAL A 1 10 ? 4.158   -5.307  -10.035 1.00 17.69 ? 10  VAL A N   1 
ATOM   74  C CA  . VAL A 1 10 ? 3.007   -5.730  -10.848 1.00 19.06 ? 10  VAL A CA  1 
ATOM   75  C C   . VAL A 1 10 ? 3.227   -5.416  -12.317 1.00 19.98 ? 10  VAL A C   1 
ATOM   76  O O   . VAL A 1 10 ? 4.233   -4.759  -12.661 1.00 21.39 ? 10  VAL A O   1 
ATOM   77  C CB  . VAL A 1 10 ? 1.694   -5.098  -10.373 1.00 19.09 ? 10  VAL A CB  1 
ATOM   78  C CG1 . VAL A 1 10 ? 1.393   -5.560  -8.932  1.00 21.33 ? 10  VAL A CG1 1 
ATOM   79  C CG2 . VAL A 1 10 ? 1.787   -3.610  -10.436 1.00 20.25 ? 10  VAL A CG2 1 
ATOM   80  N N   . ALA A 1 11 ? 2.452   -6.084  -13.172 1.00 19.12 ? 11  ALA A N   1 
ATOM   81  C CA  . ALA A 1 11 ? 2.601   -5.915  -14.622 1.00 20.11 ? 11  ALA A CA  1 
ATOM   82  C C   . ALA A 1 11 ? 1.220   -5.506  -15.106 1.00 20.71 ? 11  ALA A C   1 
ATOM   83  O O   . ALA A 1 11 ? 0.245   -6.218  -14.852 1.00 21.37 ? 11  ALA A O   1 
ATOM   84  C CB  . ALA A 1 11 ? 2.956   -7.255  -15.258 1.00 20.75 ? 11  ALA A CB  1 
ATOM   85  N N   . LEU A 1 12 ? 1.147   -4.309  -15.655 1.00 22.34 ? 12  LEU A N   1 
ATOM   86  C CA  . LEU A 1 12 ? -0.115  -3.783  -16.178 1.00 26.00 ? 12  LEU A CA  1 
ATOM   87  C C   . LEU A 1 12 ? 0.020   -3.578  -17.677 1.00 28.37 ? 12  LEU A C   1 
ATOM   88  O O   . LEU A 1 12 ? 1.124   -3.675  -18.262 1.00 27.86 ? 12  LEU A O   1 
ATOM   89  C CB  . LEU A 1 12 ? -0.486  -2.456  -15.471 1.00 25.83 ? 12  LEU A CB  1 
ATOM   90  C CG  . LEU A 1 12 ? -0.584  -2.537  -13.953 1.00 26.68 ? 12  LEU A CG  1 
ATOM   91  C CD1 . LEU A 1 12 ? -0.811  -1.147  -13.265 1.00 27.71 ? 12  LEU A CD1 1 
ATOM   92  C CD2 . LEU A 1 12 ? -1.578  -3.592  -13.437 1.00 28.67 ? 12  LEU A CD2 1 
ATOM   93  N N   . SER A 1 13 ? -1.117  -3.179  -18.254 1.00 32.09 ? 13  SER A N   1 
ATOM   94  C CA  . SER A 1 13 ? -1.242  -2.819  -19.663 1.00 35.28 ? 13  SER A CA  1 
ATOM   95  C C   . SER A 1 13 ? -0.072  -1.985  -20.182 1.00 35.36 ? 13  SER A C   1 
ATOM   96  O O   . SER A 1 13 ? 0.353   -2.154  -21.332 1.00 37.14 ? 13  SER A O   1 
ATOM   97  C CB  . SER A 1 13 ? -2.604  -2.124  -19.909 1.00 35.94 ? 13  SER A CB  1 
ATOM   98  O OG  . SER A 1 13 ? -2.804  -0.958  -19.083 1.00 39.64 ? 13  SER A OG  1 
ATOM   99  N N   . ASP A 1 14 ? 0.476   -1.117  -19.328 1.00 34.46 ? 14  ASP A N   1 
ATOM   100 C CA  . ASP A 1 14 ? 1.594   -0.249  -19.718 1.00 33.26 ? 14  ASP A CA  1 
ATOM   101 C C   . ASP A 1 14 ? 2.966   -0.617  -19.139 1.00 32.13 ? 14  ASP A C   1 
ATOM   102 O O   . ASP A 1 14 ? 3.918   0.188   -19.188 1.00 32.86 ? 14  ASP A O   1 
ATOM   103 C CB  . ASP A 1 14 ? 1.262   1.212   -19.372 1.00 34.20 ? 14  ASP A CB  1 
ATOM   104 C CG  . ASP A 1 14 ? 1.237   1.470   -17.863 1.00 35.58 ? 14  ASP A CG  1 
ATOM   105 O OD1 . ASP A 1 14 ? 0.818   0.556   -17.098 1.00 34.73 ? 14  ASP A OD1 1 
ATOM   106 O OD2 . ASP A 1 14 ? 1.658   2.583   -17.457 1.00 36.72 ? 14  ASP A OD2 1 
ATOM   107 N N   . GLY A 1 15 ? 3.113   -1.828  -18.614 1.00 29.76 ? 15  GLY A N   1 
ATOM   108 C CA  . GLY A 1 15 ? 4.458   -2.252  -18.223 1.00 26.71 ? 15  GLY A CA  1 
ATOM   109 C C   . GLY A 1 15 ? 4.504   -2.524  -16.728 1.00 24.64 ? 15  GLY A C   1 
ATOM   110 O O   . GLY A 1 15 ? 3.465   -2.645  -16.093 1.00 23.40 ? 15  GLY A O   1 
ATOM   111 N N   . VAL A 1 16 ? 5.699   -2.675  -16.185 1.00 23.45 ? 16  VAL A N   1 
ATOM   112 C CA  . VAL A 1 16 ? 5.766   -3.085  -14.778 1.00 22.93 ? 16  VAL A CA  1 
ATOM   113 C C   . VAL A 1 16 ? 5.822   -1.855  -13.887 1.00 20.89 ? 16  VAL A C   1 
ATOM   114 O O   . VAL A 1 16 ? 6.268   -0.781  -14.305 1.00 22.51 ? 16  VAL A O   1 
ATOM   115 C CB  . VAL A 1 16 ? 6.927   -4.020  -14.493 1.00 24.21 ? 16  VAL A CB  1 
ATOM   116 C CG1 . VAL A 1 16 ? 6.862   -5.225  -15.452 1.00 25.51 ? 16  VAL A CG1 1 
ATOM   117 C CG2 . VAL A 1 16 ? 8.243   -3.251  -14.586 1.00 26.53 ? 16  VAL A CG2 1 
ATOM   118 N N   . HIS A 1 17 ? 5.224   -1.987  -12.709 1.00 17.82 ? 17  HIS A N   1 
ATOM   119 C CA  . HIS A 1 17 ? 5.209   -0.881  -11.751 1.00 16.95 ? 17  HIS A CA  1 
ATOM   120 C C   . HIS A 1 17 ? 5.570   -1.398  -10.390 1.00 16.18 ? 17  HIS A C   1 
ATOM   121 O O   . HIS A 1 17 ? 5.331   -2.586  -10.130 1.00 17.42 ? 17  HIS A O   1 
ATOM   122 C CB  . HIS A 1 17 ? 3.803   -0.281  -11.688 1.00 17.47 ? 17  HIS A CB  1 
ATOM   123 C CG  . HIS A 1 17 ? 3.415   0.412   -12.951 1.00 17.69 ? 17  HIS A CG  1 
ATOM   124 N ND1 . HIS A 1 17 ? 2.653   -0.198  -13.924 1.00 22.30 ? 17  HIS A ND1 1 
ATOM   125 C CD2 . HIS A 1 17 ? 3.785   1.609   -13.452 1.00 17.71 ? 17  HIS A CD2 1 
ATOM   126 C CE1 . HIS A 1 17 ? 2.519   0.627   -14.954 1.00 19.05 ? 17  HIS A CE1 1 
ATOM   127 N NE2 . HIS A 1 17 ? 3.195   1.729   -14.690 1.00 21.29 ? 17  HIS A NE2 1 
ATOM   128 N N   . LYS A 1 18 ? 6.272   -0.583  -9.608  1.00 15.20 ? 18  LYS A N   1 
ATOM   129 C CA  . LYS A 1 18 ? 6.610   -0.985  -8.233  1.00 15.31 ? 18  LYS A CA  1 
ATOM   130 C C   . LYS A 1 18 ? 5.802   -0.134  -7.269  1.00 14.09 ? 18  LYS A C   1 
ATOM   131 O O   . LYS A 1 18 ? 5.844   1.094   -7.374  1.00 15.72 ? 18  LYS A O   1 
ATOM   132 C CB  . LYS A 1 18 ? 8.098   -0.774  -7.944  1.00 16.21 ? 18  LYS A CB  1 
ATOM   133 C CG  . LYS A 1 18 ? 8.490   -1.469  -6.604  1.00 19.28 ? 18  LYS A CG  1 
ATOM   134 C CD  . LYS A 1 18 ? 9.987   -1.369  -6.290  1.00 24.87 ? 18  LYS A CD  1 
ATOM   135 C CE  . LYS A 1 18 ? 10.802  -2.414  -7.091  1.00 25.32 ? 18  LYS A CE  1 
ATOM   136 N NZ  . LYS A 1 18 ? 10.742  -3.857  -6.553  1.00 24.54 ? 18  LYS A NZ  1 
ATOM   137 N N   . ILE A 1 19 ? 5.042   -0.774  -6.386  1.00 13.32 ? 19  ILE A N   1 
ATOM   138 C CA  . ILE A 1 19 ? 4.262   -0.038  -5.395  1.00 12.20 ? 19  ILE A CA  1 
ATOM   139 C C   . ILE A 1 19 ? 4.876   -0.347  -4.029  1.00 11.79 ? 19  ILE A C   1 
ATOM   140 O O   . ILE A 1 19 ? 5.152   -1.531  -3.727  1.00 10.82 ? 19  ILE A O   1 
ATOM   141 C CB  . ILE A 1 19 ? 2.837   -0.524  -5.425  1.00 12.14 ? 19  ILE A CB  1 
ATOM   142 C CG1 . ILE A 1 19 ? 2.263   -0.236  -6.839  1.00 13.99 ? 19  ILE A CG1 1 
ATOM   143 C CG2 . ILE A 1 19 ? 2.005   0.138   -4.289  1.00 12.79 ? 19  ILE A CG2 1 
ATOM   144 C CD1 . ILE A 1 19 ? 1.096   -1.130  -7.243  1.00 18.58 ? 19  ILE A CD1 1 
ATOM   145 N N   . GLU A 1 20 ? 5.201   0.701   -3.270  1.00 11.58 ? 20  GLU A N   1 
ATOM   146 C CA  . GLU A 1 20 ? 5.853   0.537   -1.956  1.00 12.57 ? 20  GLU A CA  1 
ATOM   147 C C   . GLU A 1 20 ? 4.959   1.217   -0.919  1.00 12.24 ? 20  GLU A C   1 
ATOM   148 O O   . GLU A 1 20 ? 4.372   2.277   -1.171  1.00 12.98 ? 20  GLU A O   1 
ATOM   149 C CB  . GLU A 1 20 ? 7.226   1.208   -1.924  1.00 14.34 ? 20  GLU A CB  1 
ATOM   150 C CG  . GLU A 1 20 ? 8.221   0.504   -2.853  1.00 17.55 ? 20  GLU A CG  1 
ATOM   151 C CD  . GLU A 1 20 ? 9.410   1.390   -3.192  1.00 24.50 ? 20  GLU A CD  1 
ATOM   152 O OE1 . GLU A 1 20 ? 10.530  1.035   -2.761  1.00 30.99 ? 20  GLU A OE1 1 
ATOM   153 O OE2 . GLU A 1 20 ? 9.238   2.418   -3.873  1.00 25.77 ? 20  GLU A OE2 1 
ATOM   154 N N   . PHE A 1 21 ? 4.779   0.578   0.227   1.00 10.41 ? 21  PHE A N   1 
ATOM   155 C CA  . PHE A 1 21 ? 3.893   1.198   1.247   1.00 9.55  ? 21  PHE A CA  1 
ATOM   156 C C   . PHE A 1 21 ? 4.660   1.304   2.585   1.00 9.88  ? 21  PHE A C   1 
ATOM   157 O O   . PHE A 1 21 ? 5.167   0.301   3.085   1.00 9.46  ? 21  PHE A O   1 
ATOM   158 C CB  . PHE A 1 21 ? 2.661   0.300   1.410   1.00 9.88  ? 21  PHE A CB  1 
ATOM   159 C CG  . PHE A 1 21 ? 1.602   0.880   2.342   1.00 9.50  ? 21  PHE A CG  1 
ATOM   160 C CD1 . PHE A 1 21 ? 1.119   2.168   2.090   1.00 10.31 ? 21  PHE A CD1 1 
ATOM   161 C CD2 . PHE A 1 21 ? 1.108   0.154   3.440   1.00 10.93 ? 21  PHE A CD2 1 
ATOM   162 C CE1 . PHE A 1 21 ? 0.111   2.738   2.911   1.00 11.77 ? 21  PHE A CE1 1 
ATOM   163 C CE2 . PHE A 1 21 ? 0.156   0.737   4.324   1.00 11.81 ? 21  PHE A CE2 1 
ATOM   164 C CZ  . PHE A 1 21 ? -0.371  2.019   4.026   1.00 10.44 ? 21  PHE A CZ  1 
ATOM   165 N N   . GLU A 1 22 ? 4.701   2.506   3.164   1.00 9.80  ? 22  GLU A N   1 
ATOM   166 C CA  . GLU A 1 22 ? 5.166   2.697   4.533   1.00 11.19 ? 22  GLU A CA  1 
ATOM   167 C C   . GLU A 1 22 ? 3.974   2.841   5.453   1.00 12.31 ? 22  GLU A C   1 
ATOM   168 O O   . GLU A 1 22 ? 2.999   3.503   5.114   1.00 12.72 ? 22  GLU A O   1 
ATOM   169 C CB  . GLU A 1 22 ? 5.963   3.972   4.630   1.00 13.65 ? 22  GLU A CB  1 
ATOM   170 C CG  . GLU A 1 22 ? 7.346   3.954   4.008   1.00 14.62 ? 22  GLU A CG  1 
ATOM   171 C CD  . GLU A 1 22 ? 8.117   5.193   4.461   1.00 24.00 ? 22  GLU A CD  1 
ATOM   172 O OE1 . GLU A 1 22 ? 8.757   5.117   5.556   1.00 26.03 ? 22  GLU A OE1 1 
ATOM   173 O OE2 . GLU A 1 22 ? 7.920   6.263   3.831   1.00 22.69 ? 22  GLU A OE2 1 
ATOM   174 N N   . HIS A 1 23 ? 4.055   2.258   6.645   1.00 11.69 ? 23  HIS A N   1 
ATOM   175 C CA  . HIS A 1 23 ? 2.980   2.392   7.585   1.00 11.44 ? 23  HIS A CA  1 
ATOM   176 C C   . HIS A 1 23 ? 3.689   2.485   8.950   1.00 12.12 ? 23  HIS A C   1 
ATOM   177 O O   . HIS A 1 23 ? 4.431   1.564   9.363   1.00 13.03 ? 23  HIS A O   1 
ATOM   178 C CB  . HIS A 1 23 ? 2.114   1.136   7.538   1.00 11.73 ? 23  HIS A CB  1 
ATOM   179 C CG  . HIS A 1 23 ? 0.865   1.214   8.367   1.00 11.90 ? 23  HIS A CG  1 
ATOM   180 N ND1 . HIS A 1 23 ? 0.183   2.393   8.618   1.00 15.73 ? 23  HIS A ND1 1 
ATOM   181 C CD2 . HIS A 1 23 ? 0.162   0.230   8.972   1.00 10.63 ? 23  HIS A CD2 1 
ATOM   182 C CE1 . HIS A 1 23 ? -0.933  2.121   9.283   1.00 10.78 ? 23  HIS A CE1 1 
ATOM   183 N NE2 . HIS A 1 23 ? -0.951  0.818   9.532   1.00 15.60 ? 23  HIS A NE2 1 
ATOM   184 N N   . GLY A 1 24 ? 3.453   3.600   9.627   1.00 11.87 ? 24  GLY A N   1 
ATOM   185 C CA  . GLY A 1 24 ? 4.004   3.813   10.986  1.00 12.55 ? 24  GLY A CA  1 
ATOM   186 C C   . GLY A 1 24 ? 2.997   3.357   12.050  1.00 13.45 ? 24  GLY A C   1 
ATOM   187 O O   . GLY A 1 24 ? 1.875   3.886   12.158  1.00 13.47 ? 24  GLY A O   1 
ATOM   188 N N   . THR A 1 25 ? 3.326   2.338   12.844  1.00 13.79 ? 25  THR A N   1 
ATOM   189 C CA  . THR A 1 25 ? 2.262   1.846   13.745  1.00 15.65 ? 25  THR A CA  1 
ATOM   190 C C   . THR A 1 25 ? 2.095   2.672   15.046  1.00 15.78 ? 25  THR A C   1 
ATOM   191 O O   . THR A 1 25 ? 1.091   2.500   15.740  1.00 15.94 ? 25  THR A O   1 
ATOM   192 C CB  . THR A 1 25 ? 2.491   0.371   14.123  1.00 16.91 ? 25  THR A CB  1 
ATOM   193 O OG1 . THR A 1 25 ? 3.789   0.259   14.719  1.00 19.28 ? 25  THR A OG1 1 
ATOM   194 C CG2 . THR A 1 25 ? 2.456   -0.498  12.876  1.00 21.29 ? 25  THR A CG2 1 
ATOM   195 N N   . THR A 1 26 ? 3.039   3.556   15.364  1.00 15.89 ? 26  THR A N   1 
ATOM   196 C CA  . THR A 1 26 ? 2.796   4.547   16.428  1.00 16.25 ? 26  THR A CA  1 
ATOM   197 C C   . THR A 1 26 ? 2.165   5.866   15.963  1.00 14.78 ? 26  THR A C   1 
ATOM   198 O O   . THR A 1 26 ? 1.172   6.338   16.545  1.00 15.31 ? 26  THR A O   1 
ATOM   199 C CB  . THR A 1 26 ? 4.084   4.801   17.233  1.00 17.91 ? 26  THR A CB  1 
ATOM   200 O OG1 . THR A 1 26 ? 4.361   3.635   18.022  1.00 22.44 ? 26  THR A OG1 1 
ATOM   201 C CG2 . THR A 1 26 ? 3.899   6.021   18.181  1.00 19.00 ? 26  THR A CG2 1 
ATOM   202 N N   . SER A 1 27 ? 2.615   6.344   14.794  1.00 14.75 ? 27  SER A N   1 
ATOM   203 C CA  . SER A 1 27 ? 2.125   7.631   14.281  1.00 13.79 ? 27  SER A CA  1 
ATOM   204 C C   . SER A 1 27 ? 0.842   7.438   13.456  1.00 13.17 ? 27  SER A C   1 
ATOM   205 O O   . SER A 1 27 ? 0.203   8.414   13.136  1.00 13.81 ? 27  SER A O   1 
ATOM   206 C CB  . SER A 1 27 ? 3.169   8.285   13.356  1.00 12.65 ? 27  SER A CB  1 
ATOM   207 O OG  . SER A 1 27 ? 3.475   7.363   12.293  1.00 12.72 ? 27  SER A OG  1 
ATOM   208 N N   . GLY A 1 28 ? 0.602   6.236   12.937  1.00 11.70 ? 28  GLY A N   1 
ATOM   209 C CA  . GLY A 1 28 ? -0.443  6.014   11.939  1.00 10.90 ? 28  GLY A CA  1 
ATOM   210 C C   . GLY A 1 28 ? -0.060  6.505   10.545  1.00 10.47 ? 28  GLY A C   1 
ATOM   211 O O   . GLY A 1 28 ? -0.932  6.487   9.637   1.00 10.97 ? 28  GLY A O   1 
ATOM   212 N N   . LYS A 1 29 ? 1.184   6.963   10.365  1.00 10.19 ? 29  LYS A N   1 
ATOM   213 C CA  . LYS A 1 29 ? 1.567   7.542   9.043   1.00 10.64 ? 29  LYS A CA  1 
ATOM   214 C C   . LYS A 1 29 ? 1.340   6.487   7.949   1.00 10.61 ? 29  LYS A C   1 
ATOM   215 O O   . LYS A 1 29 ? 1.649   5.289   8.124   1.00 11.05 ? 29  LYS A O   1 
ATOM   216 C CB  . LYS A 1 29 ? 3.059   7.908   9.080   1.00 11.07 ? 29  LYS A CB  1 
ATOM   217 C CG  . LYS A 1 29 ? 3.562   8.451   7.734   1.00 16.18 ? 29  LYS A CG  1 
ATOM   218 C CD  . LYS A 1 29 ? 5.080   8.664   7.875   1.00 22.61 ? 29  LYS A CD  1 
ATOM   219 C CE  . LYS A 1 29 ? 5.788   7.329   7.807   1.00 30.50 ? 29  LYS A CE  1 
ATOM   220 N NZ  . LYS A 1 29 ? 7.268   7.504   7.813   1.00 36.37 ? 29  LYS A NZ  1 
ATOM   221 N N   . ARG A 1 30 ? 0.837   6.916   6.795   1.00 9.76  ? 30  ARG A N   1 
ATOM   222 C CA  . ARG A 1 30 ? 0.781   6.044   5.596   1.00 9.74  ? 30  ARG A CA  1 
ATOM   223 C C   . ARG A 1 30 ? 1.414   6.752   4.409   1.00 9.59  ? 30  ARG A C   1 
ATOM   224 O O   . ARG A 1 30 ? 1.138   7.924   4.169   1.00 10.32 ? 30  ARG A O   1 
ATOM   225 C CB  . ARG A 1 30 ? -0.675  5.773   5.248   1.00 9.57  ? 30  ARG A CB  1 
ATOM   226 C CG  . ARG A 1 30 ? -1.474  5.013   6.344   1.00 10.38 ? 30  ARG A CG  1 
ATOM   227 C CD  . ARG A 1 30 ? -2.930  4.872   5.947   1.00 11.30 ? 30  ARG A CD  1 
ATOM   228 N NE  . ARG A 1 30 ? -3.690  4.160   6.992   1.00 10.42 ? 30  ARG A NE  1 
ATOM   229 C CZ  . ARG A 1 30 ? -4.987  3.910   6.888   1.00 12.85 ? 30  ARG A CZ  1 
ATOM   230 N NH1 . ARG A 1 30 ? -5.674  4.320   5.816   1.00 13.87 ? 30  ARG A NH1 1 
ATOM   231 N NH2 . ARG A 1 30 ? -5.609  3.314   7.902   1.00 13.20 ? 30  ARG A NH2 1 
ATOM   232 N N   . VAL A 1 31 ? 2.279   6.063   3.670   1.00 9.43  ? 31  VAL A N   1 
ATOM   233 C CA  . VAL A 1 31 ? 2.841   6.644   2.434   1.00 9.08  ? 31  VAL A CA  1 
ATOM   234 C C   . VAL A 1 31 ? 2.784   5.564   1.354   1.00 10.05 ? 31  VAL A C   1 
ATOM   235 O O   . VAL A 1 31 ? 3.290   4.446   1.537   1.00 10.95 ? 31  VAL A O   1 
ATOM   236 C CB  . VAL A 1 31 ? 4.270   7.140   2.612   1.00 9.27  ? 31  VAL A CB  1 
ATOM   237 C CG1 . VAL A 1 31 ? 4.652   8.001   1.385   1.00 10.66 ? 31  VAL A CG1 1 
ATOM   238 C CG2 . VAL A 1 31 ? 4.428   7.947   3.937   1.00 10.51 ? 31  VAL A CG2 1 
ATOM   239 N N   . VAL A 1 32 ? 2.159   5.882   0.224   1.00 9.40  ? 32  VAL A N   1 
ATOM   240 C CA  . VAL A 1 32 ? 2.173   4.975   -0.910  1.00 9.31  ? 32  VAL A CA  1 
ATOM   241 C C   . VAL A 1 32 ? 3.088   5.595   -1.971  1.00 10.78 ? 32  VAL A C   1 
ATOM   242 O O   . VAL A 1 32 ? 2.867   6.745   -2.391  1.00 11.15 ? 32  VAL A O   1 
ATOM   243 C CB  . VAL A 1 32 ? 0.746   4.872   -1.541  1.00 9.80  ? 32  VAL A CB  1 
ATOM   244 C CG1 . VAL A 1 32 ? 0.774   3.989   -2.814  1.00 10.09 ? 32  VAL A CG1 1 
ATOM   245 C CG2 . VAL A 1 32 ? -0.261  4.363   -0.508  1.00 10.01 ? 32  VAL A CG2 1 
ATOM   246 N N   . TYR A 1 33 ? 4.109   4.843   -2.411  1.00 10.43 ? 33  TYR A N   1 
ATOM   247 C CA  . TYR A 1 33 ? 4.946   5.240   -3.566  1.00 12.34 ? 33  TYR A CA  1 
ATOM   248 C C   . TYR A 1 33 ? 4.604   4.350   -4.746  1.00 13.12 ? 33  TYR A C   1 
ATOM   249 O O   . TYR A 1 33 ? 4.384   3.136   -4.602  1.00 13.37 ? 33  TYR A O   1 
ATOM   250 C CB  . TYR A 1 33 ? 6.437   5.022   -3.270  1.00 12.10 ? 33  TYR A CB  1 
ATOM   251 C CG  . TYR A 1 33 ? 6.931   5.707   -2.027  1.00 14.28 ? 33  TYR A CG  1 
ATOM   252 C CD1 . TYR A 1 33 ? 7.492   6.976   -2.084  1.00 17.44 ? 33  TYR A CD1 1 
ATOM   253 C CD2 . TYR A 1 33 ? 6.749   5.108   -0.770  1.00 15.43 ? 33  TYR A CD2 1 
ATOM   254 C CE1 . TYR A 1 33 ? 7.966   7.602   -0.908  1.00 18.81 ? 33  TYR A CE1 1 
ATOM   255 C CE2 . TYR A 1 33 ? 7.146   5.745   0.385   1.00 17.06 ? 33  TYR A CE2 1 
ATOM   256 C CZ  . TYR A 1 33 ? 7.779   6.974   0.305   1.00 18.85 ? 33  TYR A CZ  1 
ATOM   257 O OH  . TYR A 1 33 ? 8.203   7.567   1.475   1.00 21.71 ? 33  TYR A OH  1 
ATOM   258 N N   . VAL A 1 34 ? 4.484   4.960   -5.920  1.00 13.87 ? 34  VAL A N   1 
ATOM   259 C CA  . VAL A 1 34 ? 4.355   4.193   -7.155  1.00 14.66 ? 34  VAL A CA  1 
ATOM   260 C C   . VAL A 1 34 ? 5.473   4.587   -8.119  1.00 16.16 ? 34  VAL A C   1 
ATOM   261 O O   . VAL A 1 34 ? 5.627   5.774   -8.407  1.00 15.44 ? 34  VAL A O   1 
ATOM   262 C CB  . VAL A 1 34 ? 3.001   4.462   -7.849  1.00 15.16 ? 34  VAL A CB  1 
ATOM   263 C CG1 . VAL A 1 34 ? 2.912   3.640   -9.164  1.00 14.99 ? 34  VAL A CG1 1 
ATOM   264 C CG2 . VAL A 1 34 ? 1.828   4.076   -6.934  1.00 14.41 ? 34  VAL A CG2 1 
ATOM   265 N N   . ASP A 1 35 ? 6.330   3.630   -8.469  1.00 17.32 ? 35  ASP A N   1 
ATOM   266 C CA  . ASP A 1 35 ? 7.467   3.893   -9.351  1.00 19.05 ? 35  ASP A CA  1 
ATOM   267 C C   . ASP A 1 35 ? 8.344   5.013   -8.770  1.00 19.62 ? 35  ASP A C   1 
ATOM   268 O O   . ASP A 1 35 ? 8.882   5.862   -9.504  1.00 19.87 ? 35  ASP A O   1 
ATOM   269 C CB  . ASP A 1 35 ? 6.954   4.219   -10.767 1.00 19.69 ? 35  ASP A CB  1 
ATOM   270 C CG  . ASP A 1 35 ? 6.197   3.064   -11.397 1.00 22.30 ? 35  ASP A CG  1 
ATOM   271 O OD1 . ASP A 1 35 ? 6.435   1.885   -10.998 1.00 22.46 ? 35  ASP A OD1 1 
ATOM   272 O OD2 . ASP A 1 35 ? 5.284   3.327   -12.236 1.00 24.71 ? 35  ASP A OD2 1 
ATOM   273 N N   . GLY A 1 36 ? 8.533   4.968   -7.454  1.00 19.27 ? 36  GLY A N   1 
ATOM   274 C CA  . GLY A 1 36 ? 9.412   5.875   -6.707  1.00 20.73 ? 36  GLY A CA  1 
ATOM   275 C C   . GLY A 1 36 ? 8.840   7.248   -6.360  1.00 20.78 ? 36  GLY A C   1 
ATOM   276 O O   . GLY A 1 36 ? 9.528   8.063   -5.738  1.00 23.25 ? 36  GLY A O   1 
ATOM   277 N N   . LYS A 1 37 ? 7.617   7.522   -6.807  1.00 20.92 ? 37  LYS A N   1 
ATOM   278 C CA  . LYS A 1 37 ? 6.986   8.831   -6.626  1.00 20.55 ? 37  LYS A CA  1 
ATOM   279 C C   . LYS A 1 37 ? 5.898   8.688   -5.559  1.00 19.53 ? 37  LYS A C   1 
ATOM   280 O O   . LYS A 1 37 ? 5.057   7.789   -5.634  1.00 16.97 ? 37  LYS A O   1 
ATOM   281 C CB  . LYS A 1 37 ? 6.332   9.290   -7.942  1.00 21.99 ? 37  LYS A CB  1 
ATOM   282 C CG  . LYS A 1 37 ? 5.379   10.475  -7.813  1.00 26.05 ? 37  LYS A CG  1 
ATOM   283 C CD  . LYS A 1 37 ? 4.853   10.968  -9.187  1.00 32.62 ? 37  LYS A CD  1 
ATOM   284 C CE  . LYS A 1 37 ? 4.351   12.432  -9.105  1.00 37.90 ? 37  LYS A CE  1 
ATOM   285 N NZ  . LYS A 1 37 ? 3.139   12.638  -9.972  1.00 40.96 ? 37  LYS A NZ  1 
ATOM   286 N N   . GLU A 1 38 ? 5.856   9.623   -4.617  1.00 19.53 ? 38  GLU A N   1 
ATOM   287 C CA  . GLU A 1 38 ? 4.789   9.576   -3.627  1.00 19.39 ? 38  GLU A CA  1 
ATOM   288 C C   . GLU A 1 38 ? 3.380   9.834   -4.234  1.00 19.00 ? 38  GLU A C   1 
ATOM   289 O O   . GLU A 1 38 ? 3.153   10.829  -4.929  1.00 20.08 ? 38  GLU A O   1 
ATOM   290 C CB  . GLU A 1 38 ? 5.198   10.498  -2.446  1.00 20.73 ? 38  GLU A CB  1 
ATOM   291 C CG  . GLU A 1 38 ? 4.121   10.866  -1.456  1.00 27.32 ? 38  GLU A CG  1 
ATOM   292 C CD  . GLU A 1 38 ? 4.596   11.935  -0.451  1.00 31.24 ? 38  GLU A CD  1 
ATOM   293 O OE1 . GLU A 1 38 ? 5.624   11.679  0.206   1.00 29.54 ? 38  GLU A OE1 1 
ATOM   294 O OE2 . GLU A 1 38 ? 3.980   13.054  -0.375  1.00 35.66 ? 38  GLU A OE2 1 
ATOM   295 N N   . GLU A 1 39 ? 2.429   8.934   -4.024  1.00 16.66 ? 39  GLU A N   1 
ATOM   296 C CA  . GLU A 1 39 ? 1.082   9.108   -4.548  1.00 16.48 ? 39  GLU A CA  1 
ATOM   297 C C   . GLU A 1 39 ? 0.140   9.461   -3.408  1.00 14.98 ? 39  GLU A C   1 
ATOM   298 O O   . GLU A 1 39 ? -0.863  10.145  -3.624  1.00 14.51 ? 39  GLU A O   1 
ATOM   299 C CB  . GLU A 1 39 ? 0.518   7.836   -5.225  1.00 17.69 ? 39  GLU A CB  1 
ATOM   300 C CG  . GLU A 1 39 ? 1.040   7.576   -6.612  1.00 21.35 ? 39  GLU A CG  1 
ATOM   301 C CD  . GLU A 1 39 ? 0.612   8.672   -7.617  1.00 26.39 ? 39  GLU A CD  1 
ATOM   302 O OE1 . GLU A 1 39 ? 1.520   9.093   -8.378  1.00 29.31 ? 39  GLU A OE1 1 
ATOM   303 O OE2 . GLU A 1 39 ? -0.605  9.061   -7.662  1.00 23.49 ? 39  GLU A OE2 1 
ATOM   304 N N   . ILE A 1 40 ? 0.372   8.889   -2.208  1.00 13.02 ? 40  ILE A N   1 
ATOM   305 C CA  . ILE A 1 40 ? -0.518  9.234   -1.074  1.00 11.66 ? 40  ILE A CA  1 
ATOM   306 C C   . ILE A 1 40 ? 0.394   9.417   0.136   1.00 11.89 ? 40  ILE A C   1 
ATOM   307 O O   . ILE A 1 40 ? 1.317   8.657   0.305   1.00 10.94 ? 40  ILE A O   1 
ATOM   308 C CB  . ILE A 1 40 ? -1.467  8.081   -0.711  1.00 12.13 ? 40  ILE A CB  1 
ATOM   309 C CG1 . ILE A 1 40 ? -2.429  7.782   -1.867  1.00 12.68 ? 40  ILE A CG1 1 
ATOM   310 C CG2 . ILE A 1 40 ? -2.213  8.364   0.604   1.00 13.04 ? 40  ILE A CG2 1 
ATOM   311 C CD1 . ILE A 1 40 ? -3.585  6.929   -1.464  1.00 19.10 ? 40  ILE A CD1 1 
ATOM   312 N N   . ARG A 1 41 ? 0.164   10.483  0.898   1.00 11.72 ? 41  ARG A N   1 
ATOM   313 C CA  . ARG A 1 41 ? 0.807   10.629  2.207   1.00 13.65 ? 41  ARG A CA  1 
ATOM   314 C C   . ARG A 1 41 ? -0.203  11.083  3.255   1.00 13.59 ? 41  ARG A C   1 
ATOM   315 O O   . ARG A 1 41 ? -1.001  12.024  3.024   1.00 15.82 ? 41  ARG A O   1 
ATOM   316 C CB  . ARG A 1 41 ? 1.932   11.656  2.106   1.00 13.56 ? 41  ARG A CB  1 
ATOM   317 C CG  . ARG A 1 41 ? 2.542   11.985  3.508   1.00 18.43 ? 41  ARG A CG  1 
ATOM   318 C CD  . ARG A 1 41 ? 3.840   12.815  3.373   1.00 22.08 ? 41  ARG A CD  1 
ATOM   319 N NE  . ARG A 1 41 ? 4.956   12.071  2.807   1.00 25.49 ? 41  ARG A NE  1 
ATOM   320 C CZ  . ARG A 1 41 ? 5.871   11.422  3.524   1.00 27.66 ? 41  ARG A CZ  1 
ATOM   321 N NH1 . ARG A 1 41 ? 5.823   11.427  4.853   1.00 26.19 ? 41  ARG A NH1 1 
ATOM   322 N NH2 . ARG A 1 41 ? 6.824   10.736  2.923   1.00 28.59 ? 41  ARG A NH2 1 
ATOM   323 N N   . LYS A 1 42 ? -0.268  10.371  4.365   1.00 13.17 ? 42  LYS A N   1 
ATOM   324 C CA  . LYS A 1 42 ? -1.087  10.782  5.509   1.00 13.19 ? 42  LYS A CA  1 
ATOM   325 C C   . LYS A 1 42 ? -0.080  10.812  6.642   1.00 12.41 ? 42  LYS A C   1 
ATOM   326 O O   . LYS A 1 42 ? 0.464   9.785   6.998   1.00 12.11 ? 42  LYS A O   1 
ATOM   327 C CB  . LYS A 1 42 ? -2.151  9.717   5.821   1.00 14.34 ? 42  LYS A CB  1 
ATOM   328 C CG  . LYS A 1 42 ? -3.142  9.356   4.638   1.00 18.22 ? 42  LYS A CG  1 
ATOM   329 C CD  . LYS A 1 42 ? -4.331  10.184  4.556   1.00 22.39 ? 42  LYS A CD  1 
ATOM   330 C CE  . LYS A 1 42 ? -5.247  9.632   3.447   1.00 21.13 ? 42  LYS A CE  1 
ATOM   331 N NZ  . LYS A 1 42 ? -6.235  8.611   3.953   1.00 20.68 ? 42  LYS A NZ  1 
ATOM   332 N N   . GLU A 1 43 ? 0.240   11.999  7.151   1.00 11.25 ? 43  GLU A N   1 
ATOM   333 C CA  . GLU A 1 43 ? 1.355   12.136  8.058   1.00 13.28 ? 43  GLU A CA  1 
ATOM   334 C C   . GLU A 1 43 ? 1.066   11.458  9.419   1.00 12.47 ? 43  GLU A C   1 
ATOM   335 O O   . GLU A 1 43 ? 1.997   10.996  10.094  1.00 13.31 ? 43  GLU A O   1 
ATOM   336 C CB  . GLU A 1 43 ? 1.559   13.646  8.230   1.00 14.07 ? 43  GLU A CB  1 
ATOM   337 C CG  . GLU A 1 43 ? 2.786   14.018  8.933   1.00 20.29 ? 43  GLU A CG  1 
ATOM   338 C CD  . GLU A 1 43 ? 4.051   13.478  8.272   1.00 27.15 ? 43  GLU A CD  1 
ATOM   339 O OE1 . GLU A 1 43 ? 4.097   13.168  7.053   1.00 26.75 ? 43  GLU A OE1 1 
ATOM   340 O OE2 . GLU A 1 43 ? 5.057   13.444  9.013   1.00 35.45 ? 43  GLU A OE2 1 
ATOM   341 N N   . TRP A 1 44 ? -0.177  11.521  9.867   1.00 11.81 ? 44  TRP A N   1 
ATOM   342 C CA  . TRP A 1 44 ? -0.450  11.142  11.259  1.00 12.22 ? 44  TRP A CA  1 
ATOM   343 C C   . TRP A 1 44 ? -1.911  10.762  11.402  1.00 13.61 ? 44  TRP A C   1 
ATOM   344 O O   . TRP A 1 44 ? -2.781  11.516  10.950  1.00 13.22 ? 44  TRP A O   1 
ATOM   345 C CB  . TRP A 1 44 ? -0.094  12.311  12.234  1.00 13.25 ? 44  TRP A CB  1 
ATOM   346 C CG  . TRP A 1 44 ? 0.011   11.840  13.691  1.00 13.41 ? 44  TRP A CG  1 
ATOM   347 C CD1 . TRP A 1 44 ? 1.156   11.447  14.367  1.00 12.81 ? 44  TRP A CD1 1 
ATOM   348 C CD2 . TRP A 1 44 ? -1.084  11.533  14.541  1.00 12.25 ? 44  TRP A CD2 1 
ATOM   349 N NE1 . TRP A 1 44 ? 0.816   10.988  15.628  1.00 14.28 ? 44  TRP A NE1 1 
ATOM   350 C CE2 . TRP A 1 44 ? -0.551  11.027  15.748  1.00 14.28 ? 44  TRP A CE2 1 
ATOM   351 C CE3 . TRP A 1 44 ? -2.481  11.680  14.419  1.00 12.19 ? 44  TRP A CE3 1 
ATOM   352 C CZ2 . TRP A 1 44 ? -1.363  10.651  16.819  1.00 13.22 ? 44  TRP A CZ2 1 
ATOM   353 C CZ3 . TRP A 1 44 ? -3.297  11.333  15.499  1.00 14.35 ? 44  TRP A CZ3 1 
ATOM   354 C CH2 . TRP A 1 44 ? -2.723  10.788  16.670  1.00 15.11 ? 44  TRP A CH2 1 
ATOM   355 N N   . MET A 1 45 ? -2.219  9.594   12.000  1.00 12.39 ? 45  MET A N   1 
ATOM   356 C CA  . MET A 1 45 ? -3.637  9.144   12.123  1.00 13.47 ? 45  MET A CA  1 
ATOM   357 C C   . MET A 1 45 ? -3.727  8.363   13.456  1.00 12.84 ? 45  MET A C   1 
ATOM   358 O O   . MET A 1 45 ? -2.735  7.760   13.917  1.00 13.33 ? 45  MET A O   1 
ATOM   359 C CB  . MET A 1 45 ? -4.014  8.144   10.978  1.00 13.80 ? 45  MET A CB  1 
ATOM   360 C CG  . MET A 1 45 ? -3.961  8.708   9.544   1.00 19.92 ? 45  MET A CG  1 
ATOM   361 S SD  . MET A 1 45 ? -4.417  7.440   8.324   1.00 13.58 ? 45  MET A SD  1 
ATOM   362 C CE  . MET A 1 45 ? -5.579  6.722   9.309   1.00 13.98 ? 45  MET A CE  1 
ATOM   363 N N   . PHE A 1 46 ? -4.880  8.419   14.111  1.00 12.43 ? 46  PHE A N   1 
ATOM   364 C CA  . PHE A 1 46 ? -5.074  7.562   15.301  1.00 12.69 ? 46  PHE A CA  1 
ATOM   365 C C   . PHE A 1 46 ? -5.204  6.093   14.871  1.00 14.00 ? 46  PHE A C   1 
ATOM   366 O O   . PHE A 1 46 ? -4.655  5.201   15.560  1.00 13.71 ? 46  PHE A O   1 
ATOM   367 C CB  . PHE A 1 46 ? -6.363  7.899   16.072  1.00 12.18 ? 46  PHE A CB  1 
ATOM   368 C CG  . PHE A 1 46 ? -6.221  9.082   16.995  1.00 12.83 ? 46  PHE A CG  1 
ATOM   369 C CD1 . PHE A 1 46 ? -6.675  10.348  16.581  1.00 15.18 ? 46  PHE A CD1 1 
ATOM   370 C CD2 . PHE A 1 46 ? -5.590  8.970   18.215  1.00 14.90 ? 46  PHE A CD2 1 
ATOM   371 C CE1 . PHE A 1 46 ? -6.609  11.452  17.423  1.00 12.25 ? 46  PHE A CE1 1 
ATOM   372 C CE2 . PHE A 1 46 ? -5.436  10.115  19.052  1.00 17.69 ? 46  PHE A CE2 1 
ATOM   373 C CZ  . PHE A 1 46 ? -5.999  11.345  18.653  1.00 15.77 ? 46  PHE A CZ  1 
ATOM   374 N N   . LYS A 1 47 ? -5.983  5.846   13.822  1.00 13.85 ? 47  LYS A N   1 
ATOM   375 C CA  . LYS A 1 47 ? -6.303  4.444   13.503  1.00 15.25 ? 47  LYS A CA  1 
ATOM   376 C C   . LYS A 1 47 ? -5.285  3.820   12.536  1.00 15.31 ? 47  LYS A C   1 
ATOM   377 O O   . LYS A 1 47 ? -4.651  4.523   11.756  1.00 15.49 ? 47  LYS A O   1 
ATOM   378 C CB  . LYS A 1 47 ? -7.717  4.324   12.952  1.00 16.38 ? 47  LYS A CB  1 
ATOM   379 C CG  . LYS A 1 47 ? -7.843  4.797   11.567  1.00 16.98 ? 47  LYS A CG  1 
ATOM   380 C CD  . LYS A 1 47 ? -9.295  4.799   11.134  1.00 22.09 ? 47  LYS A CD  1 
ATOM   381 C CE  . LYS A 1 47 ? -9.326  5.296   9.705   1.00 22.80 ? 47  LYS A CE  1 
ATOM   382 N NZ  . LYS A 1 47 ? -10.727 5.230   9.268   1.00 25.48 ? 47  LYS A NZ  1 
ATOM   383 N N   . LEU A 1 48 ? -5.070  2.519   12.664  1.00 12.72 ? 48  LEU A N   1 
ATOM   384 C CA  . LEU A 1 48 ? -4.153  1.824   11.749  1.00 13.24 ? 48  LEU A CA  1 
ATOM   385 C C   . LEU A 1 48 ? -4.881  1.078   10.625  1.00 13.56 ? 48  LEU A C   1 
ATOM   386 O O   . LEU A 1 48 ? -4.429  1.106   9.449   1.00 14.37 ? 48  LEU A O   1 
ATOM   387 C CB  . LEU A 1 48 ? -3.273  0.816   12.500  1.00 13.50 ? 48  LEU A CB  1 
ATOM   388 C CG  . LEU A 1 48 ? -2.291  1.426   13.496  1.00 13.95 ? 48  LEU A CG  1 
ATOM   389 C CD1 . LEU A 1 48 ? -1.249  0.428   13.962  1.00 12.95 ? 48  LEU A CD1 1 
ATOM   390 C CD2 . LEU A 1 48 ? -1.556  2.669   13.017  1.00 11.74 ? 48  LEU A CD2 1 
ATOM   391 N N   . VAL A 1 49 ? -6.026  0.473   10.954  1.00 12.43 ? 49  VAL A N   1 
ATOM   392 C CA  . VAL A 1 49 ? -6.777  -0.309  9.921   1.00 12.93 ? 49  VAL A CA  1 
ATOM   393 C C   . VAL A 1 49 ? -7.539  0.572   8.964   1.00 13.06 ? 49  VAL A C   1 
ATOM   394 O O   . VAL A 1 49 ? -7.882  1.719   9.295   1.00 13.31 ? 49  VAL A O   1 
ATOM   395 C CB  . VAL A 1 49 ? -7.680  -1.408  10.526  1.00 12.82 ? 49  VAL A CB  1 
ATOM   396 C CG1 . VAL A 1 49 ? -6.800  -2.344  11.389  1.00 12.83 ? 49  VAL A CG1 1 
ATOM   397 C CG2 . VAL A 1 49 ? -8.838  -0.794  11.316  1.00 15.78 ? 49  VAL A CG2 1 
ATOM   398 N N   . GLY A 1 50 ? -7.796  0.066   7.766   1.00 12.49 ? 50  GLY A N   1 
ATOM   399 C CA  . GLY A 1 50 ? -8.526  0.853   6.795   1.00 12.71 ? 50  GLY A CA  1 
ATOM   400 C C   . GLY A 1 50 ? -8.014  0.539   5.398   1.00 13.53 ? 50  GLY A C   1 
ATOM   401 O O   . GLY A 1 50 ? -7.658  -0.594  5.132   1.00 15.39 ? 50  GLY A O   1 
ATOM   402 N N   . LYS A 1 51 ? -8.065  1.519   4.499   1.00 13.51 ? 51  LYS A N   1 
ATOM   403 C CA  . LYS A 1 51 ? -7.680  1.328   3.092   1.00 14.97 ? 51  LYS A CA  1 
ATOM   404 C C   . LYS A 1 51 ? -7.232  2.643   2.487   1.00 15.12 ? 51  LYS A C   1 
ATOM   405 O O   . LYS A 1 51 ? -7.551  3.740   3.015   1.00 15.39 ? 51  LYS A O   1 
ATOM   406 C CB  . LYS A 1 51 ? -8.817  0.702   2.271   1.00 15.91 ? 51  LYS A CB  1 
ATOM   407 C CG  . LYS A 1 51 ? -9.932  1.636   2.013   1.00 21.33 ? 51  LYS A CG  1 
ATOM   408 C CD  . LYS A 1 51 ? -10.904 1.071   1.014   1.00 30.50 ? 51  LYS A CD  1 
ATOM   409 C CE  . LYS A 1 51 ? -11.992 2.125   0.756   1.00 35.21 ? 51  LYS A CE  1 
ATOM   410 N NZ  . LYS A 1 51 ? -13.062 1.496   -0.067  1.00 40.22 ? 51  LYS A NZ  1 
ATOM   411 N N   . GLU A 1 52 ? -6.372  2.546   1.474   1.00 13.84 ? 52  GLU A N   1 
ATOM   412 C CA  . GLU A 1 52 ? -5.993  3.699   0.659   1.00 12.54 ? 52  GLU A CA  1 
ATOM   413 C C   . GLU A 1 52 ? -6.217  3.255   -0.779  1.00 13.25 ? 52  GLU A C   1 
ATOM   414 O O   . GLU A 1 52 ? -5.903  2.129   -1.149  1.00 14.56 ? 52  GLU A O   1 
ATOM   415 C CB  . GLU A 1 52 ? -4.526  4.058   0.839   1.00 13.50 ? 52  GLU A CB  1 
ATOM   416 C CG  . GLU A 1 52 ? -4.191  4.646   2.213   1.00 13.61 ? 52  GLU A CG  1 
ATOM   417 C CD  . GLU A 1 52 ? -4.954  5.935   2.553   1.00 18.53 ? 52  GLU A CD  1 
ATOM   418 O OE1 . GLU A 1 52 ? -5.438  6.692   1.655   1.00 14.63 ? 52  GLU A OE1 1 
ATOM   419 O OE2 . GLU A 1 52 ? -5.137  6.186   3.772   1.00 18.88 ? 52  GLU A OE2 1 
ATOM   420 N N   . THR A 1 53 ? -6.741  4.159   -1.583  1.00 12.10 ? 53  THR A N   1 
ATOM   421 C CA  . THR A 1 53 ? -6.977  3.890   -3.019  1.00 12.85 ? 53  THR A CA  1 
ATOM   422 C C   . THR A 1 53 ? -6.180  4.900   -3.838  1.00 12.36 ? 53  THR A C   1 
ATOM   423 O O   . THR A 1 53 ? -6.131  6.110   -3.528  1.00 12.38 ? 53  THR A O   1 
ATOM   424 C CB  . THR A 1 53 ? -8.478  4.099   -3.369  1.00 13.68 ? 53  THR A CB  1 
ATOM   425 O OG1 . THR A 1 53 ? -9.275  3.247   -2.527  1.00 17.85 ? 53  THR A OG1 1 
ATOM   426 C CG2 . THR A 1 53 ? -8.734  3.672   -4.783  1.00 14.79 ? 53  THR A CG2 1 
ATOM   427 N N   . PHE A 1 54 ? -5.614  4.452   -4.950  1.00 11.10 ? 54  PHE A N   1 
ATOM   428 C CA  . PHE A 1 54 ? -4.738  5.308   -5.740  1.00 10.95 ? 54  PHE A CA  1 
ATOM   429 C C   . PHE A 1 54 ? -4.693  4.706   -7.136  1.00 11.21 ? 54  PHE A C   1 
ATOM   430 O O   . PHE A 1 54 ? -5.297  3.640   -7.372  1.00 11.28 ? 54  PHE A O   1 
ATOM   431 C CB  . PHE A 1 54 ? -3.328  5.425   -5.117  1.00 11.64 ? 54  PHE A CB  1 
ATOM   432 C CG  . PHE A 1 54 ? -2.701  4.083   -4.770  1.00 10.85 ? 54  PHE A CG  1 
ATOM   433 C CD1 . PHE A 1 54 ? -1.823  3.484   -5.681  1.00 11.16 ? 54  PHE A CD1 1 
ATOM   434 C CD2 . PHE A 1 54 ? -3.040  3.411   -3.580  1.00 10.71 ? 54  PHE A CD2 1 
ATOM   435 C CE1 . PHE A 1 54 ? -1.287  2.251   -5.406  1.00 12.52 ? 54  PHE A CE1 1 
ATOM   436 C CE2 . PHE A 1 54 ? -2.466  2.192   -3.289  1.00 10.28 ? 54  PHE A CE2 1 
ATOM   437 C CZ  . PHE A 1 54 ? -1.627  1.594   -4.225  1.00 9.80  ? 54  PHE A CZ  1 
ATOM   438 N N   . TYR A 1 55 ? -4.011  5.398   -8.059  1.00 12.66 ? 55  TYR A N   1 
ATOM   439 C CA  . TYR A 1 55 ? -4.108  5.091   -9.485  1.00 12.86 ? 55  TYR A CA  1 
ATOM   440 C C   . TYR A 1 55 ? -2.720  4.944   -10.047 1.00 13.29 ? 55  TYR A C   1 
ATOM   441 O O   . TYR A 1 55 ? -1.827  5.781   -9.781  1.00 14.71 ? 55  TYR A O   1 
ATOM   442 C CB  . TYR A 1 55 ? -4.911  6.186   -10.209 1.00 13.63 ? 55  TYR A CB  1 
ATOM   443 C CG  . TYR A 1 55 ? -6.310  6.191   -9.624  1.00 13.43 ? 55  TYR A CG  1 
ATOM   444 C CD1 . TYR A 1 55 ? -7.248  5.243   -10.047 1.00 12.37 ? 55  TYR A CD1 1 
ATOM   445 C CD2 . TYR A 1 55 ? -6.586  6.984   -8.505  1.00 13.38 ? 55  TYR A CD2 1 
ATOM   446 C CE1 . TYR A 1 55 ? -8.470  5.115   -9.382  1.00 17.07 ? 55  TYR A CE1 1 
ATOM   447 C CE2 . TYR A 1 55 ? -7.786  6.856   -7.850  1.00 16.62 ? 55  TYR A CE2 1 
ATOM   448 C CZ  . TYR A 1 55 ? -8.709  5.937   -8.300  1.00 17.40 ? 55  TYR A CZ  1 
ATOM   449 O OH  . TYR A 1 55 ? -9.860  5.810   -7.581  1.00 19.24 ? 55  TYR A OH  1 
ATOM   450 N N   . VAL A 1 56 ? -2.528  3.871   -10.803 1.00 13.30 ? 56  VAL A N   1 
ATOM   451 C CA  . VAL A 1 56 ? -1.190  3.439   -11.187 1.00 13.70 ? 56  VAL A CA  1 
ATOM   452 C C   . VAL A 1 56 ? -0.972  3.541   -12.709 1.00 14.37 ? 56  VAL A C   1 
ATOM   453 O O   . VAL A 1 56 ? -1.767  2.980   -13.501 1.00 14.68 ? 56  VAL A O   1 
ATOM   454 C CB  . VAL A 1 56 ? -0.987  1.980   -10.779 1.00 12.81 ? 56  VAL A CB  1 
ATOM   455 C CG1 . VAL A 1 56 ? 0.380   1.453   -11.285 1.00 14.23 ? 56  VAL A CG1 1 
ATOM   456 C CG2 . VAL A 1 56 ? -1.120  1.805   -9.231  1.00 12.47 ? 56  VAL A CG2 1 
ATOM   457 N N   . GLY A 1 57 ? 0.139   4.176   -13.074 1.00 16.25 ? 57  GLY A N   1 
ATOM   458 C CA  . GLY A 1 57 ? 0.653   4.114   -14.442 1.00 17.80 ? 57  GLY A CA  1 
ATOM   459 C C   . GLY A 1 57 ? -0.107  5.053   -15.358 1.00 20.41 ? 57  GLY A C   1 
ATOM   460 O O   . GLY A 1 57 ? -0.939  5.856   -14.905 1.00 18.75 ? 57  GLY A O   1 
ATOM   461 N N   . ALA A 1 58 ? 0.191   4.949   -16.653 1.00 22.16 ? 58  ALA A N   1 
ATOM   462 C CA  . ALA A 1 58 ? -0.299  5.927   -17.602 1.00 23.57 ? 58  ALA A CA  1 
ATOM   463 C C   . ALA A 1 58 ? -1.805  5.771   -17.751 1.00 23.88 ? 58  ALA A C   1 
ATOM   464 O O   . ALA A 1 58 ? -2.506  6.748   -18.035 1.00 25.58 ? 58  ALA A O   1 
ATOM   465 C CB  . ALA A 1 58 ? 0.386   5.737   -18.941 1.00 24.71 ? 58  ALA A CB  1 
ATOM   466 N N   . ALA A 1 59 ? -2.303  4.545   -17.599 1.00 22.92 ? 59  ALA A N   1 
ATOM   467 C CA  . ALA A 1 59 ? -3.739  4.291   -17.679 1.00 22.61 ? 59  ALA A CA  1 
ATOM   468 C C   . ALA A 1 59 ? -4.517  4.492   -16.376 1.00 21.24 ? 59  ALA A C   1 
ATOM   469 O O   . ALA A 1 59 ? -5.723  4.236   -16.341 1.00 21.79 ? 59  ALA A O   1 
ATOM   470 C CB  . ALA A 1 59 ? -3.986  2.897   -18.208 1.00 24.29 ? 59  ALA A CB  1 
ATOM   471 N N   . LYS A 1 60 ? -3.835  4.955   -15.328 1.00 18.83 ? 60  LYS A N   1 
ATOM   472 C CA  . LYS A 1 60 ? -4.492  5.259   -14.037 1.00 16.90 ? 60  LYS A CA  1 
ATOM   473 C C   . LYS A 1 60 ? -5.324  4.049   -13.612 1.00 16.50 ? 60  LYS A C   1 
ATOM   474 O O   . LYS A 1 60 ? -6.506  4.174   -13.262 1.00 17.49 ? 60  LYS A O   1 
ATOM   475 C CB  . LYS A 1 60 ? -5.341  6.564   -14.103 1.00 16.76 ? 60  LYS A CB  1 
ATOM   476 C CG  . LYS A 1 60 ? -4.511  7.851   -14.429 1.00 15.71 ? 60  LYS A CG  1 
ATOM   477 C CD  . LYS A 1 60 ? -3.415  8.164   -13.410 1.00 16.62 ? 60  LYS A CD  1 
ATOM   478 C CE  . LYS A 1 60 ? -2.636  9.428   -13.833 1.00 20.54 ? 60  LYS A CE  1 
ATOM   479 N NZ  . LYS A 1 60 ? -1.630  9.789   -12.807 1.00 24.63 ? 60  LYS A NZ  1 
ATOM   480 N N   . THR A 1 61 ? -4.695  2.882   -13.537 1.00 14.38 ? 61  THR A N   1 
ATOM   481 C CA  . THR A 1 61 ? -5.354  1.684   -13.081 1.00 13.45 ? 61  THR A CA  1 
ATOM   482 C C   . THR A 1 61 ? -5.637  1.756   -11.570 1.00 12.70 ? 61  THR A C   1 
ATOM   483 O O   . THR A 1 61 ? -4.726  2.042   -10.807 1.00 13.29 ? 61  THR A O   1 
ATOM   484 C CB  . THR A 1 61 ? -4.453  0.480   -13.348 1.00 14.76 ? 61  THR A CB  1 
ATOM   485 O OG1 . THR A 1 61 ? -4.266  0.359   -14.776 1.00 17.34 ? 61  THR A OG1 1 
ATOM   486 C CG2 . THR A 1 61 ? -5.105  -0.812  -12.843 1.00 14.18 ? 61  THR A CG2 1 
ATOM   487 N N   . LYS A 1 62 ? -6.876  1.489   -11.152 1.00 12.23 ? 62  LYS A N   1 
ATOM   488 C CA  . LYS A 1 62 ? -7.222  1.575   -9.725  1.00 11.81 ? 62  LYS A CA  1 
ATOM   489 C C   . LYS A 1 62 ? -6.525  0.496   -8.911  1.00 13.02 ? 62  LYS A C   1 
ATOM   490 O O   . LYS A 1 62 ? -6.525  -0.690  -9.308  1.00 12.78 ? 62  LYS A O   1 
ATOM   491 C CB  . LYS A 1 62 ? -8.722  1.365   -9.557  1.00 12.35 ? 62  LYS A CB  1 
ATOM   492 C CG  . LYS A 1 62 ? -9.171  1.658   -8.119  1.00 14.70 ? 62  LYS A CG  1 
ATOM   493 C CD  . LYS A 1 62 ? -10.689 1.547   -8.084  1.00 22.12 ? 62  LYS A CD  1 
ATOM   494 C CE  . LYS A 1 62 ? -11.214 1.824   -6.715  1.00 27.68 ? 62  LYS A CE  1 
ATOM   495 N NZ  . LYS A 1 62 ? -12.684 1.518   -6.757  1.00 31.76 ? 62  LYS A NZ  1 
ATOM   496 N N   . ALA A 1 63 ? -5.982  0.873   -7.756  1.00 11.89 ? 63  ALA A N   1 
ATOM   497 C CA  . ALA A 1 63 ? -5.339  -0.087  -6.862  1.00 11.49 ? 63  ALA A CA  1 
ATOM   498 C C   . ALA A 1 63 ? -5.767  0.276   -5.455  1.00 12.18 ? 63  ALA A C   1 
ATOM   499 O O   . ALA A 1 63 ? -5.903  1.462   -5.159  1.00 13.22 ? 63  ALA A O   1 
ATOM   500 C CB  . ALA A 1 63 ? -3.828  0.086   -6.965  1.00 12.11 ? 63  ALA A CB  1 
ATOM   501 N N   . THR A 1 64 ? -5.932  -0.707  -4.580  1.00 10.96 ? 64  THR A N   1 
ATOM   502 C CA  . THR A 1 64 ? -6.356  -0.438  -3.215  1.00 12.42 ? 64  THR A CA  1 
ATOM   503 C C   . THR A 1 64 ? -5.384  -1.185  -2.311  1.00 11.62 ? 64  THR A C   1 
ATOM   504 O O   . THR A 1 64 ? -5.087  -2.347  -2.553  1.00 11.16 ? 64  THR A O   1 
ATOM   505 C CB  . THR A 1 64 ? -7.810  -0.951  -2.993  1.00 14.38 ? 64  THR A CB  1 
ATOM   506 O OG1 . THR A 1 64 ? -8.692  -0.098  -3.760  1.00 16.38 ? 64  THR A OG1 1 
ATOM   507 C CG2 . THR A 1 64 ? -8.210  -0.692  -1.559  1.00 16.83 ? 64  THR A CG2 1 
ATOM   508 N N   . ILE A 1 65 ? -4.876  -0.544  -1.261  1.00 9.69  ? 65  ILE A N   1 
ATOM   509 C CA  . ILE A 1 65 ? -4.198  -1.294  -0.215  1.00 10.30 ? 65  ILE A CA  1 
ATOM   510 C C   . ILE A 1 65 ? -5.122  -1.347  0.984   1.00 11.82 ? 65  ILE A C   1 
ATOM   511 O O   . ILE A 1 65 ? -5.531  -0.296  1.500   1.00 12.23 ? 65  ILE A O   1 
ATOM   512 C CB  . ILE A 1 65 ? -2.868  -0.582  0.170   1.00 10.33 ? 65  ILE A CB  1 
ATOM   513 C CG1 . ILE A 1 65 ? -1.859  -0.689  -0.978  1.00 11.29 ? 65  ILE A CG1 1 
ATOM   514 C CG2 . ILE A 1 65 ? -2.296  -1.162  1.504   1.00 13.14 ? 65  ILE A CG2 1 
ATOM   515 C CD1 . ILE A 1 65 ? -0.622  0.235   -0.729  1.00 11.91 ? 65  ILE A CD1 1 
ATOM   516 N N   . ASN A 1 66 ? -5.407  -2.558  1.453   1.00 11.09 ? 66  ASN A N   1 
ATOM   517 C CA  . ASN A 1 66 ? -6.224  -2.739  2.684   1.00 12.49 ? 66  ASN A CA  1 
ATOM   518 C C   . ASN A 1 66 ? -5.298  -3.103  3.826   1.00 13.01 ? 66  ASN A C   1 
ATOM   519 O O   . ASN A 1 66 ? -4.349  -3.867  3.633   1.00 12.81 ? 66  ASN A O   1 
ATOM   520 C CB  . ASN A 1 66 ? -7.255  -3.859  2.514   1.00 14.04 ? 66  ASN A CB  1 
ATOM   521 C CG  . ASN A 1 66 ? -8.615  -3.327  2.014   1.00 20.86 ? 66  ASN A CG  1 
ATOM   522 O OD1 . ASN A 1 66 ? -9.537  -2.989  2.808   1.00 28.58 ? 66  ASN A OD1 1 
ATOM   523 N ND2 . ASN A 1 66 ? -8.741  -3.230  0.731   1.00 20.35 ? 66  ASN A ND2 1 
ATOM   524 N N   . ILE A 1 67 ? -5.577  -2.526  5.004   1.00 12.50 ? 67  ILE A N   1 
ATOM   525 C CA  . ILE A 1 67 ? -4.799  -2.798  6.207   1.00 11.98 ? 67  ILE A CA  1 
ATOM   526 C C   . ILE A 1 67 ? -5.753  -3.442  7.208   1.00 12.37 ? 67  ILE A C   1 
ATOM   527 O O   . ILE A 1 67 ? -6.779  -2.858  7.548   1.00 11.55 ? 67  ILE A O   1 
ATOM   528 C CB  . ILE A 1 67 ? -4.250  -1.494  6.802   1.00 11.91 ? 67  ILE A CB  1 
ATOM   529 C CG1 . ILE A 1 67 ? -3.380  -0.778  5.755   1.00 14.06 ? 67  ILE A CG1 1 
ATOM   530 C CG2 . ILE A 1 67 ? -3.411  -1.786  8.039   1.00 12.01 ? 67  ILE A CG2 1 
ATOM   531 C CD1 . ILE A 1 67 ? -3.061  0.623   6.168   1.00 18.60 ? 67  ILE A CD1 1 
ATOM   532 N N   . ASP A 1 68 ? -5.471  -4.690  7.566   1.00 12.94 ? 68  ASP A N   1 
ATOM   533 C CA  . ASP A 1 68 ? -6.327  -5.415  8.531   1.00 14.44 ? 68  ASP A CA  1 
ATOM   534 C C   . ASP A 1 68 ? -5.529  -5.907  9.726   1.00 14.95 ? 68  ASP A C   1 
ATOM   535 O O   . ASP A 1 68 ? -4.365  -6.293  9.580   1.00 15.48 ? 68  ASP A O   1 
ATOM   536 C CB  . ASP A 1 68 ? -6.980  -6.599  7.819   1.00 15.49 ? 68  ASP A CB  1 
ATOM   537 C CG  . ASP A 1 68 ? -8.008  -6.136  6.761   1.00 21.67 ? 68  ASP A CG  1 
ATOM   538 O OD1 . ASP A 1 68 ? -8.986  -5.436  7.138   1.00 25.39 ? 68  ASP A OD1 1 
ATOM   539 O OD2 . ASP A 1 68 ? -7.780  -6.353  5.544   1.00 24.91 ? 68  ASP A OD2 1 
ATOM   540 N N   . ALA A 1 69 ? -6.148  -5.938  10.915  1.00 14.49 ? 69  ALA A N   1 
ATOM   541 C CA  . ALA A 1 69 ? -5.466  -6.487  12.088  1.00 15.30 ? 69  ALA A CA  1 
ATOM   542 C C   . ALA A 1 69 ? -5.433  -8.024  12.047  1.00 16.23 ? 69  ALA A C   1 
ATOM   543 O O   . ALA A 1 69 ? -6.405  -8.655  11.595  1.00 17.03 ? 69  ALA A O   1 
ATOM   544 C CB  . ALA A 1 69 ? -6.198  -6.030  13.389  1.00 15.53 ? 69  ALA A CB  1 
ATOM   545 N N   . ILE A 1 70 ? -4.324  -8.587  12.497  1.00 17.91 ? 70  ILE A N   1 
ATOM   546 C CA  . ILE A 1 70 ? -4.221  -10.034 12.644  1.00 20.83 ? 70  ILE A CA  1 
ATOM   547 C C   . ILE A 1 70 ? -3.678  -10.339 14.031  1.00 23.23 ? 70  ILE A C   1 
ATOM   548 O O   . ILE A 1 70 ? -3.330  -9.433  14.768  1.00 22.68 ? 70  ILE A O   1 
ATOM   549 C CB  . ILE A 1 70 ? -3.315  -10.620 11.537  1.00 20.38 ? 70  ILE A CB  1 
ATOM   550 C CG1 . ILE A 1 70 ? -1.914  -10.008 11.577  1.00 20.75 ? 70  ILE A CG1 1 
ATOM   551 C CG2 . ILE A 1 70 ? -3.979  -10.430 10.167  1.00 21.26 ? 70  ILE A CG2 1 
ATOM   552 C CD1 . ILE A 1 70 ? -0.890  -10.716 10.598  1.00 27.36 ? 70  ILE A CD1 1 
ATOM   553 N N   . SER A 1 71 ? -3.516  -11.619 14.362  1.00 27.03 ? 71  SER A N   1 
ATOM   554 C CA  . SER A 1 71 ? -2.981  -11.983 15.676  1.00 29.99 ? 71  SER A CA  1 
ATOM   555 C C   . SER A 1 71 ? -1.633  -11.387 16.030  1.00 31.03 ? 71  SER A C   1 
ATOM   556 O O   . SER A 1 71 ? -0.754  -11.176 15.174  1.00 31.87 ? 71  SER A O   1 
ATOM   557 C CB  . SER A 1 71 ? -2.885  -13.498 15.767  1.00 31.10 ? 71  SER A CB  1 
ATOM   558 O OG  . SER A 1 71 ? -4.166  -14.022 15.505  1.00 35.31 ? 71  SER A OG  1 
ATOM   559 N N   . GLY A 1 72 ? -1.407  -11.219 17.331  1.00 32.12 ? 72  GLY A N   1 
ATOM   560 C CA  . GLY A 1 72 ? -0.076  -10.855 17.781  1.00 31.53 ? 72  GLY A CA  1 
ATOM   561 C C   . GLY A 1 72 ? 0.131   -9.363  17.628  1.00 30.75 ? 72  GLY A C   1 
ATOM   562 O O   . GLY A 1 72 ? 1.272   -8.894  17.583  1.00 31.11 ? 72  GLY A O   1 
ATOM   563 N N   . PHE A 1 73 ? -0.966  -8.604  17.552  1.00 29.86 ? 73  PHE A N   1 
ATOM   564 C CA  . PHE A 1 73 ? -0.845  -7.159  17.447  1.00 27.85 ? 73  PHE A CA  1 
ATOM   565 C C   . PHE A 1 73 ? -0.100  -6.760  16.172  1.00 26.40 ? 73  PHE A C   1 
ATOM   566 O O   . PHE A 1 73 ? 0.590   -5.737  16.105  1.00 27.98 ? 73  PHE A O   1 
ATOM   567 C CB  . PHE A 1 73 ? -0.119  -6.633  18.691  1.00 29.79 ? 73  PHE A CB  1 
ATOM   568 C CG  . PHE A 1 73 ? -0.901  -5.625  19.437  1.00 29.05 ? 73  PHE A CG  1 
ATOM   569 C CD1 . PHE A 1 73 ? -1.058  -5.731  20.817  1.00 29.95 ? 73  PHE A CD1 1 
ATOM   570 C CD2 . PHE A 1 73 ? -1.548  -4.613  18.728  1.00 29.90 ? 73  PHE A CD2 1 
ATOM   571 C CE1 . PHE A 1 73 ? -1.841  -4.826  21.486  1.00 27.68 ? 73  PHE A CE1 1 
ATOM   572 C CE2 . PHE A 1 73 ? -2.300  -3.682  19.382  1.00 29.49 ? 73  PHE A CE2 1 
ATOM   573 C CZ  . PHE A 1 73 ? -2.442  -3.786  20.770  1.00 28.99 ? 73  PHE A CZ  1 
ATOM   574 N N   . ALA A 1 74 ? -0.334  -7.540  15.118  1.00 22.84 ? 74  ALA A N   1 
ATOM   575 C CA  . ALA A 1 74 ? 0.300   -7.314  13.813  1.00 19.73 ? 74  ALA A CA  1 
ATOM   576 C C   . ALA A 1 74 ? -0.765  -6.864  12.806  1.00 17.44 ? 74  ALA A C   1 
ATOM   577 O O   . ALA A 1 74 ? -1.943  -6.910  13.091  1.00 17.08 ? 74  ALA A O   1 
ATOM   578 C CB  . ALA A 1 74 ? 0.934   -8.624  13.330  1.00 19.22 ? 74  ALA A CB  1 
ATOM   579 N N   . TYR A 1 75 ? -0.327  -6.500  11.597  1.00 16.53 ? 75  TYR A N   1 
ATOM   580 C CA  . TYR A 1 75 ? -1.229  -6.090  10.517  1.00 15.51 ? 75  TYR A CA  1 
ATOM   581 C C   . TYR A 1 75 ? -0.870  -6.787  9.228   1.00 16.36 ? 75  TYR A C   1 
ATOM   582 O O   . TYR A 1 75 ? 0.303   -7.158  9.006   1.00 18.28 ? 75  TYR A O   1 
ATOM   583 C CB  . TYR A 1 75 ? -1.208  -4.551  10.357  1.00 15.45 ? 75  TYR A CB  1 
ATOM   584 C CG  . TYR A 1 75 ? -1.692  -3.887  11.636  1.00 14.88 ? 75  TYR A CG  1 
ATOM   585 C CD1 . TYR A 1 75 ? -3.051  -3.681  11.860  1.00 17.22 ? 75  TYR A CD1 1 
ATOM   586 C CD2 . TYR A 1 75 ? -0.803  -3.600  12.677  1.00 17.89 ? 75  TYR A CD2 1 
ATOM   587 C CE1 . TYR A 1 75 ? -3.500  -3.206  13.104  1.00 16.68 ? 75  TYR A CE1 1 
ATOM   588 C CE2 . TYR A 1 75 ? -1.236  -3.176  13.929  1.00 17.49 ? 75  TYR A CE2 1 
ATOM   589 C CZ  . TYR A 1 75 ? -2.587  -2.988  14.135  1.00 17.88 ? 75  TYR A CZ  1 
ATOM   590 O OH  . TYR A 1 75 ? -3.028  -2.536  15.355  1.00 20.23 ? 75  TYR A OH  1 
ATOM   591 N N   . GLU A 1 76 ? -1.881  -7.037  8.420   1.00 16.41 ? 76  GLU A N   1 
ATOM   592 C CA  . GLU A 1 76 ? -1.624  -7.516  7.070   1.00 18.15 ? 76  GLU A CA  1 
ATOM   593 C C   . GLU A 1 76 ? -2.058  -6.522  6.031   1.00 15.68 ? 76  GLU A C   1 
ATOM   594 O O   . GLU A 1 76 ? -3.004  -5.760  6.246   1.00 16.78 ? 76  GLU A O   1 
ATOM   595 C CB  . GLU A 1 76 ? -2.265  -8.848  6.860   1.00 20.38 ? 76  GLU A CB  1 
ATOM   596 C CG  . GLU A 1 76 ? -3.725  -8.845  6.684   1.00 24.41 ? 76  GLU A CG  1 
ATOM   597 C CD  . GLU A 1 76 ? -4.244  -10.255 6.362   1.00 36.52 ? 76  GLU A CD  1 
ATOM   598 O OE1 . GLU A 1 76 ? -5.474  -10.399 6.131   1.00 40.81 ? 76  GLU A OE1 1 
ATOM   599 O OE2 . GLU A 1 76 ? -3.422  -11.210 6.367   1.00 38.43 ? 76  GLU A OE2 1 
ATOM   600 N N   . TYR A 1 77 ? -1.327  -6.499  4.926   1.00 14.25 ? 77  TYR A N   1 
ATOM   601 C CA  . TYR A 1 77 ? -1.459  -5.419  3.935   1.00 11.77 ? 77  TYR A CA  1 
ATOM   602 C C   . TYR A 1 77 ? -1.770  -6.111  2.627   1.00 12.90 ? 77  TYR A C   1 
ATOM   603 O O   . TYR A 1 77 ? -0.974  -6.929  2.167   1.00 13.77 ? 77  TYR A O   1 
ATOM   604 C CB  . TYR A 1 77 ? -0.111  -4.689  3.795   1.00 11.74 ? 77  TYR A CB  1 
ATOM   605 C CG  . TYR A 1 77 ? 0.288   -4.020  5.087   1.00 11.39 ? 77  TYR A CG  1 
ATOM   606 C CD1 . TYR A 1 77 ? -0.256  -2.764  5.424   1.00 11.47 ? 77  TYR A CD1 1 
ATOM   607 C CD2 . TYR A 1 77 ? 1.129   -4.655  6.004   1.00 13.38 ? 77  TYR A CD2 1 
ATOM   608 C CE1 . TYR A 1 77 ? 0.030   -2.165  6.639   1.00 12.03 ? 77  TYR A CE1 1 
ATOM   609 C CE2 . TYR A 1 77 ? 1.387   -4.072  7.246   1.00 12.85 ? 77  TYR A CE2 1 
ATOM   610 C CZ  . TYR A 1 77 ? 0.856   -2.818  7.538   1.00 11.14 ? 77  TYR A CZ  1 
ATOM   611 O OH  . TYR A 1 77 ? 1.149   -2.254  8.760   1.00 13.99 ? 77  TYR A OH  1 
ATOM   612 N N   . THR A 1 78 ? -2.915  -5.809  2.039   1.00 12.60 ? 78  THR A N   1 
ATOM   613 C CA  . THR A 1 78 ? -3.348  -6.526  0.828   1.00 13.12 ? 78  THR A CA  1 
ATOM   614 C C   . THR A 1 78 ? -3.459  -5.507  -0.282  1.00 13.15 ? 78  THR A C   1 
ATOM   615 O O   . THR A 1 78 ? -4.274  -4.574  -0.174  1.00 13.15 ? 78  THR A O   1 
ATOM   616 C CB  . THR A 1 78 ? -4.705  -7.175  1.036   1.00 14.96 ? 78  THR A CB  1 
ATOM   617 O OG1 . THR A 1 78 ? -4.573  -8.135  2.106   1.00 17.14 ? 78  THR A OG1 1 
ATOM   618 C CG2 . THR A 1 78 ? -5.118  -7.960  -0.218  1.00 15.65 ? 78  THR A CG2 1 
ATOM   619 N N   . LEU A 1 79 ? -2.720  -5.730  -1.376  1.00 11.57 ? 79  LEU A N   1 
ATOM   620 C CA  . LEU A 1 79 ? -2.918  -4.901  -2.582  1.00 11.89 ? 79  LEU A CA  1 
ATOM   621 C C   . LEU A 1 79 ? -3.877  -5.607  -3.531  1.00 12.93 ? 79  LEU A C   1 
ATOM   622 O O   . LEU A 1 79 ? -3.691  -6.795  -3.836  1.00 12.27 ? 79  LEU A O   1 
ATOM   623 C CB  . LEU A 1 79 ? -1.581  -4.651  -3.284  1.00 11.00 ? 79  LEU A CB  1 
ATOM   624 C CG  . LEU A 1 79 ? -1.698  -3.894  -4.616  1.00 13.27 ? 79  LEU A CG  1 
ATOM   625 C CD1 . LEU A 1 79 ? -2.094  -2.426  -4.388  1.00 12.89 ? 79  LEU A CD1 1 
ATOM   626 C CD2 . LEU A 1 79 ? -0.360  -3.989  -5.344  1.00 15.00 ? 79  LEU A CD2 1 
ATOM   627 N N   . GLU A 1 80 ? -4.912  -4.865  -3.938  1.00 12.19 ? 80  GLU A N   1 
ATOM   628 C CA  . GLU A 1 80 ? -5.877  -5.408  -4.900  1.00 14.84 ? 80  GLU A CA  1 
ATOM   629 C C   . GLU A 1 80 ? -5.931  -4.552  -6.156  1.00 14.60 ? 80  GLU A C   1 
ATOM   630 O O   . GLU A 1 80 ? -6.114  -3.308  -6.110  1.00 13.87 ? 80  GLU A O   1 
ATOM   631 C CB  . GLU A 1 80 ? -7.244  -5.577  -4.281  1.00 15.58 ? 80  GLU A CB  1 
ATOM   632 C CG  . GLU A 1 80 ? -8.213  -6.271  -5.282  1.00 22.55 ? 80  GLU A CG  1 
ATOM   633 C CD  . GLU A 1 80 ? -9.661  -6.430  -4.767  1.00 33.47 ? 80  GLU A CD  1 
ATOM   634 O OE1 . GLU A 1 80 ? -10.056 -5.744  -3.787  1.00 39.01 ? 80  GLU A OE1 1 
ATOM   635 O OE2 . GLU A 1 80 ? -10.426 -7.225  -5.373  1.00 38.06 ? 80  GLU A OE2 1 
ATOM   636 N N   . ILE A 1 81 ? -5.787  -5.237  -7.290  1.00 15.48 ? 81  ILE A N   1 
ATOM   637 C CA  . ILE A 1 81 ? -5.868  -4.568  -8.587  1.00 17.26 ? 81  ILE A CA  1 
ATOM   638 C C   . ILE A 1 81 ? -6.628  -5.492  -9.519  1.00 20.02 ? 81  ILE A C   1 
ATOM   639 O O   . ILE A 1 81 ? -6.321  -6.681  -9.605  1.00 19.94 ? 81  ILE A O   1 
ATOM   640 C CB  . ILE A 1 81 ? -4.516  -4.291  -9.211  1.00 18.23 ? 81  ILE A CB  1 
ATOM   641 C CG1 . ILE A 1 81 ? -3.716  -3.315  -8.355  1.00 17.97 ? 81  ILE A CG1 1 
ATOM   642 C CG2 . ILE A 1 81 ? -4.702  -3.631  -10.607 1.00 18.64 ? 81  ILE A CG2 1 
ATOM   643 C CD1 . ILE A 1 81 ? -2.337  -3.051  -8.897  1.00 26.08 ? 81  ILE A CD1 1 
ATOM   644 N N   . ASN A 1 82 ? -7.629  -4.942  -10.197 1.00 23.30 ? 82  ASN A N   1 
ATOM   645 C CA  . ASN A 1 82 ? -8.424  -5.717  -11.180 1.00 26.08 ? 82  ASN A CA  1 
ATOM   646 C C   . ASN A 1 82 ? -8.910  -7.053  -10.611 1.00 26.68 ? 82  ASN A C   1 
ATOM   647 O O   . ASN A 1 82 ? -8.790  -8.089  -11.274 1.00 28.43 ? 82  ASN A O   1 
ATOM   648 C CB  . ASN A 1 82 ? -7.595  -5.954  -12.461 1.00 27.33 ? 82  ASN A CB  1 
ATOM   649 C CG  . ASN A 1 82 ? -7.286  -4.655  -13.260 1.00 30.08 ? 82  ASN A CG  1 
ATOM   650 O OD1 . ASN A 1 82 ? -8.005  -3.666  -13.177 1.00 35.67 ? 82  ASN A OD1 1 
ATOM   651 N ND2 . ASN A 1 82 ? -6.194  -4.678  -14.038 1.00 34.86 ? 82  ASN A ND2 1 
ATOM   652 N N   . GLY A 1 83 ? -9.398  -7.042  -9.377  1.00 26.20 ? 83  GLY A N   1 
ATOM   653 C CA  . GLY A 1 83 ? -9.952  -8.248  -8.759  1.00 25.95 ? 83  GLY A CA  1 
ATOM   654 C C   . GLY A 1 83 ? -8.987  -9.332  -8.282  1.00 25.28 ? 83  GLY A C   1 
ATOM   655 O O   . GLY A 1 83 ? -9.435  -10.374 -7.790  1.00 27.06 ? 83  GLY A O   1 
ATOM   656 N N   . LYS A 1 84 ? -7.681  -9.106  -8.426  1.00 23.02 ? 84  LYS A N   1 
ATOM   657 C CA  . LYS A 1 84 ? -6.641  -10.038 -7.951  1.00 21.87 ? 84  LYS A CA  1 
ATOM   658 C C   . LYS A 1 84 ? -5.846  -9.353  -6.829  1.00 20.03 ? 84  LYS A C   1 
ATOM   659 O O   . LYS A 1 84 ? -5.784  -8.132  -6.762  1.00 19.88 ? 84  LYS A O   1 
ATOM   660 C CB  . LYS A 1 84 ? -5.668  -10.398 -9.083  1.00 22.86 ? 84  LYS A CB  1 
ATOM   661 C CG  . LYS A 1 84 ? -6.351  -11.059 -10.291 1.00 26.66 ? 84  LYS A CG  1 
ATOM   662 C CD  . LYS A 1 84 ? -6.687  -12.484 -10.005 1.00 34.29 ? 84  LYS A CD  1 
ATOM   663 C CE  . LYS A 1 84 ? -7.360  -13.162 -11.206 1.00 39.67 ? 84  LYS A CE  1 
ATOM   664 N NZ  . LYS A 1 84 ? -6.774  -12.633 -12.478 1.00 42.73 ? 84  LYS A NZ  1 
ATOM   665 N N   . SER A 1 85 ? -5.257  -10.132 -5.937  1.00 18.23 ? 85  SER A N   1 
ATOM   666 C CA  . SER A 1 85 ? -4.660  -9.519  -4.752  1.00 17.65 ? 85  SER A CA  1 
ATOM   667 C C   . SER A 1 85 ? -3.499  -10.318 -4.211  1.00 17.08 ? 85  SER A C   1 
ATOM   668 O O   . SER A 1 85 ? -3.300  -11.495 -4.567  1.00 17.20 ? 85  SER A O   1 
ATOM   669 C CB  . SER A 1 85 ? -5.733  -9.330  -3.691  1.00 17.63 ? 85  SER A CB  1 
ATOM   670 O OG  . SER A 1 85 ? -6.109  -10.556 -3.105  1.00 23.23 ? 85  SER A OG  1 
ATOM   671 N N   . LEU A 1 86 ? -2.618  -9.636  -3.498  1.00 14.98 ? 86  LEU A N   1 
ATOM   672 C CA  . LEU A 1 86 ? -1.481  -10.279 -2.884  1.00 15.31 ? 86  LEU A CA  1 
ATOM   673 C C   . LEU A 1 86 ? -1.260  -9.673  -1.483  1.00 15.43 ? 86  LEU A C   1 
ATOM   674 O O   . LEU A 1 86 ? -1.173  -8.443  -1.338  1.00 15.12 ? 86  LEU A O   1 
ATOM   675 C CB  . LEU A 1 86 ? -0.230  -10.094 -3.756  1.00 15.14 ? 86  LEU A CB  1 
ATOM   676 C CG  . LEU A 1 86 ? 1.030   -10.745 -3.147  1.00 18.41 ? 86  LEU A CG  1 
ATOM   677 C CD1 . LEU A 1 86 ? 0.910   -12.245 -2.668  1.00 20.57 ? 86  LEU A CD1 1 
ATOM   678 C CD2 . LEU A 1 86 ? 2.282   -10.490 -3.996  1.00 20.01 ? 86  LEU A CD2 1 
ATOM   679 N N   . LYS A 1 87 ? -1.270  -10.548 -0.467  1.00 14.52 ? 87  LYS A N   1 
ATOM   680 C CA  . LYS A 1 87 ? -1.099  -10.180 0.947   1.00 15.81 ? 87  LYS A CA  1 
ATOM   681 C C   . LYS A 1 87 ? 0.359   -10.155 1.377   1.00 14.96 ? 87  LYS A C   1 
ATOM   682 O O   . LYS A 1 87 ? 1.155   -11.066 1.046   1.00 15.11 ? 87  LYS A O   1 
ATOM   683 C CB  . LYS A 1 87 ? -1.842  -11.191 1.838   1.00 16.42 ? 87  LYS A CB  1 
ATOM   684 C CG  . LYS A 1 87 ? -3.353  -11.137 1.688   1.00 24.56 ? 87  LYS A CG  1 
ATOM   685 C CD  . LYS A 1 87 ? -4.027  -12.086 2.696   1.00 32.76 ? 87  LYS A CD  1 
ATOM   686 C CE  . LYS A 1 87 ? -5.516  -12.213 2.414   1.00 37.66 ? 87  LYS A CE  1 
ATOM   687 N NZ  . LYS A 1 87 ? -5.864  -12.049 0.944   1.00 41.55 ? 87  LYS A NZ  1 
ATOM   688 N N   . LYS A 1 88 ? 0.688   -9.188  2.234   1.00 14.25 ? 88  LYS A N   1 
ATOM   689 C CA  . LYS A 1 88 ? 1.997   -9.080  2.882   1.00 15.50 ? 88  LYS A CA  1 
ATOM   690 C C   . LYS A 1 88 ? 1.766   -8.905  4.380   1.00 18.23 ? 88  LYS A C   1 
ATOM   691 O O   . LYS A 1 88 ? 0.760   -8.337  4.782   1.00 18.11 ? 88  LYS A O   1 
ATOM   692 C CB  . LYS A 1 88 ? 2.751   -7.852  2.362   1.00 15.69 ? 88  LYS A CB  1 
ATOM   693 C CG  . LYS A 1 88 ? 3.043   -7.890  0.856   1.00 12.27 ? 88  LYS A CG  1 
ATOM   694 C CD  . LYS A 1 88 ? 3.840   -9.129  0.455   1.00 13.35 ? 88  LYS A CD  1 
ATOM   695 C CE  . LYS A 1 88 ? 4.311   -8.934  -0.996  1.00 16.21 ? 88  LYS A CE  1 
ATOM   696 N NZ  . LYS A 1 88 ? 5.523   -9.805  -1.249  1.00 18.07 ? 88  LYS A NZ  1 
ATOM   697 N N   . TYR A 1 89 ? 2.660   -9.471  5.185   1.00 21.75 ? 89  TYR A N   1 
ATOM   698 C CA  . TYR A 1 89 ? 2.798   -9.166  6.608   1.00 27.48 ? 89  TYR A CA  1 
ATOM   699 C C   . TYR A 1 89 ? 4.194   -9.696  6.994   1.00 30.79 ? 89  TYR A C   1 
ATOM   700 O O   . TYR A 1 89 ? 4.790   -10.497 6.231   1.00 32.52 ? 89  TYR A O   1 
ATOM   701 C CB  . TYR A 1 89 ? 1.732   -9.913  7.400   1.00 28.19 ? 89  TYR A CB  1 
ATOM   702 C CG  . TYR A 1 89 ? 1.594   -11.374 7.057   1.00 32.62 ? 89  TYR A CG  1 
ATOM   703 C CD1 . TYR A 1 89 ? 2.424   -12.316 7.660   1.00 39.14 ? 89  TYR A CD1 1 
ATOM   704 C CD2 . TYR A 1 89 ? 0.619   -11.822 6.159   1.00 37.19 ? 89  TYR A CD2 1 
ATOM   705 C CE1 . TYR A 1 89 ? 2.337   -13.676 7.337   1.00 42.63 ? 89  TYR A CE1 1 
ATOM   706 C CE2 . TYR A 1 89 ? 0.487   -13.189 5.842   1.00 41.41 ? 89  TYR A CE2 1 
ATOM   707 C CZ  . TYR A 1 89 ? 1.356   -14.112 6.452   1.00 43.60 ? 89  TYR A CZ  1 
ATOM   708 O OH  . TYR A 1 89 ? 1.308   -15.474 6.187   1.00 46.31 ? 89  TYR A OH  1 
ATOM   709 N N   . MET A 1 90 ? 4.641   -9.467  8.226   1.00 33.65 ? 90  MET A N   1 
ATOM   710 C CA  . MET A 1 90 ? 6.013   -9.904  8.612   1.00 35.19 ? 90  MET A CA  1 
ATOM   711 C C   . MET A 1 90 ? 6.086   -11.049 9.631   1.00 37.28 ? 90  MET A C   1 
ATOM   712 O O   . MET A 1 90 ? 5.065   -11.498 10.195  1.00 39.50 ? 90  MET A O   1 
ATOM   713 C CB  . MET A 1 90 ? 6.826   -8.713  9.121   1.00 35.27 ? 90  MET A CB  1 
ATOM   714 C CG  . MET A 1 90 ? 7.242   -7.715  8.030   1.00 34.79 ? 90  MET A CG  1 
ATOM   715 S SD  . MET A 1 90 ? 7.681   -6.014  8.640   1.00 28.49 ? 90  MET A SD  1 
ATOM   716 C CE  . MET A 1 90 ? 7.770   -5.284  7.022   1.00 30.28 ? 90  MET A CE  1 
HETATM 717 O O   . HOH B 2 .  ? -2.661  4.366   9.711   1.00 11.26 ? 91  HOH A O   1 
HETATM 718 O O   . HOH B 2 .  ? 0.696   7.806   18.802  1.00 15.85 ? 92  HOH A O   1 
HETATM 719 O O   . HOH B 2 .  ? 6.693   -6.829  0.543   1.00 13.70 ? 93  HOH A O   1 
HETATM 720 O O   . HOH B 2 .  ? -7.537  8.000   12.685  1.00 15.65 ? 94  HOH A O   1 
HETATM 721 O O   . HOH B 2 .  ? -8.521  4.239   6.368   1.00 17.49 ? 95  HOH A O   1 
HETATM 722 O O   . HOH B 2 .  ? -3.132  8.137   -7.242  1.00 18.31 ? 96  HOH A O   1 
HETATM 723 O O   . HOH B 2 .  ? 6.617   -8.160  -3.211  1.00 19.02 ? 97  HOH A O   1 
HETATM 724 O O   . HOH B 2 .  ? -7.285  6.696   -0.275  1.00 18.20 ? 98  HOH A O   1 
HETATM 725 O O   . HOH B 2 .  ? -1.413  -15.122 -2.902  1.00 45.07 ? 99  HOH A O   1 
HETATM 726 O O   . HOH B 2 .  ? 5.186   4.969   13.930  1.00 19.29 ? 100 HOH A O   1 
HETATM 727 O O   . HOH B 2 .  ? 11.187  -1.741  7.056   1.00 26.78 ? 101 HOH A O   1 
HETATM 728 O O   . HOH B 2 .  ? 2.716   10.278  -12.431 1.00 39.95 ? 102 HOH A O   1 
HETATM 729 O O   . HOH B 2 .  ? 2.875   -3.359  10.518  1.00 21.76 ? 103 HOH A O   1 
HETATM 730 O O   . HOH B 2 .  ? 1.174   0.261   -23.595 1.00 49.02 ? 104 HOH A O   1 
HETATM 731 O O   . HOH B 2 .  ? -10.786 2.102   9.276   1.00 22.87 ? 105 HOH A O   1 
HETATM 732 O O   . HOH B 2 .  ? 7.835   13.670  -2.678  1.00 39.12 ? 106 HOH A O   1 
HETATM 733 O O   . HOH B 2 .  ? 5.983   -0.254  10.642  1.00 28.10 ? 107 HOH A O   1 
HETATM 734 O O   . HOH B 2 .  ? -4.004  -0.278  16.202  1.00 28.21 ? 108 HOH A O   1 
HETATM 735 O O   . HOH B 2 .  ? -7.343  2.374   -17.640 1.00 22.57 ? 109 HOH A O   1 
HETATM 736 O O   . HOH B 2 .  ? -1.561  6.454   15.941  1.00 19.76 ? 110 HOH A O   1 
HETATM 737 O O   . HOH B 2 .  ? 6.318   -7.379  3.297   1.00 20.70 ? 111 HOH A O   1 
HETATM 738 O O   . HOH B 2 .  ? -5.193  -6.721  4.383   1.00 19.20 ? 112 HOH A O   1 
HETATM 739 O O   . HOH B 2 .  ? 7.678   2.850   -5.810  1.00 19.25 ? 113 HOH A O   1 
HETATM 740 O O   . HOH B 2 .  ? -1.782  8.638   -10.077 1.00 24.54 ? 114 HOH A O   1 
HETATM 741 O O   . HOH B 2 .  ? 8.507   -3.940  -9.919  1.00 28.98 ? 115 HOH A O   1 
HETATM 742 O O   . HOH B 2 .  ? -8.761  0.396   -13.176 1.00 24.01 ? 116 HOH A O   1 
HETATM 743 O O   . HOH B 2 .  ? 1.150   -8.297  -11.927 1.00 29.95 ? 117 HOH A O   1 
HETATM 744 O O   . HOH B 2 .  ? 12.081  -3.252  -4.035  1.00 23.30 ? 118 HOH A O   1 
HETATM 745 O O   . HOH B 2 .  ? -2.233  -13.282 -0.981  1.00 25.54 ? 119 HOH A O   1 
HETATM 746 O O   . HOH B 2 .  ? -3.175  -5.903  15.352  1.00 24.72 ? 120 HOH A O   1 
HETATM 747 O O   . HOH B 2 .  ? 0.566   7.873   -13.100 1.00 34.24 ? 121 HOH A O   1 
HETATM 748 O O   . HOH B 2 .  ? -3.345  9.622   -5.034  1.00 27.33 ? 122 HOH A O   1 
HETATM 749 O O   . HOH B 2 .  ? 12.847  -4.339  -8.197  1.00 30.31 ? 123 HOH A O   1 
HETATM 750 O O   . HOH B 2 .  ? -8.914  -5.385  11.214  1.00 26.20 ? 124 HOH A O   1 
HETATM 751 O O   . HOH B 2 .  ? 7.689   11.669  -4.740  1.00 35.05 ? 125 HOH A O   1 
HETATM 752 O O   . HOH B 2 .  ? -8.413  6.759   5.891   1.00 39.03 ? 126 HOH A O   1 
HETATM 753 O O   . HOH B 2 .  ? 3.374   4.402   -17.617 1.00 38.10 ? 127 HOH A O   1 
HETATM 754 O O   . HOH B 2 .  ? -6.697  -9.823  2.239   1.00 46.48 ? 128 HOH A O   1 
HETATM 755 O O   . HOH B 2 .  ? 6.096   1.523   12.733  1.00 27.76 ? 129 HOH A O   1 
HETATM 756 O O   . HOH B 2 .  ? -9.083  6.078   2.646   1.00 37.25 ? 130 HOH A O   1 
HETATM 757 O O   . HOH B 2 .  ? 11.815  -1.033  -2.035  1.00 34.74 ? 131 HOH A O   1 
HETATM 758 O O   . HOH B 2 .  ? 2.792   9.974   17.597  1.00 31.66 ? 132 HOH A O   1 
HETATM 759 O O   . HOH B 2 .  ? 6.229   6.823   11.664  1.00 25.13 ? 133 HOH A O   1 
HETATM 760 O O   . HOH B 2 .  ? 4.292   -7.178  11.733  1.00 31.74 ? 134 HOH A O   1 
HETATM 761 O O   . HOH B 2 .  ? 5.098   9.214   16.481  1.00 34.54 ? 135 HOH A O   1 
HETATM 762 O O   . HOH B 2 .  ? 7.088   -5.739  -11.790 1.00 32.32 ? 136 HOH A O   1 
HETATM 763 O O   . HOH B 2 .  ? -9.302  -2.928  5.841   1.00 27.51 ? 137 HOH A O   1 
HETATM 764 O O   . HOH B 2 .  ? 0.736   10.567  -10.319 1.00 37.17 ? 138 HOH A O   1 
HETATM 765 O O   . HOH B 2 .  ? -5.878  -13.045 -6.322  1.00 28.28 ? 139 HOH A O   1 
HETATM 766 O O   . HOH B 2 .  ? 4.105   13.316  -5.330  1.00 42.76 ? 140 HOH A O   1 
HETATM 767 O O   . HOH B 2 .  ? 5.140   -2.446  11.592  1.00 30.06 ? 141 HOH A O   1 
HETATM 768 O O   . HOH B 2 .  ? 5.062   1.458   16.769  1.00 27.71 ? 142 HOH A O   1 
HETATM 769 O O   . HOH B 2 .  ? -6.064  -13.432 17.760  1.00 45.15 ? 143 HOH A O   1 
HETATM 770 O O   . HOH B 2 .  ? -7.143  9.527   6.237   1.00 33.28 ? 144 HOH A O   1 
HETATM 771 O O   . HOH B 2 .  ? 3.516   7.443   -9.559  1.00 35.11 ? 145 HOH A O   1 
HETATM 772 O O   . HOH B 2 .  ? 9.075   0.890   -11.280 1.00 36.61 ? 146 HOH A O   1 
HETATM 773 O O   . HOH B 2 .  ? -8.693  -1.938  -6.474  1.00 29.91 ? 147 HOH A O   1 
HETATM 774 O O   . HOH B 2 .  ? 4.602   -2.458  14.632  1.00 32.63 ? 148 HOH A O   1 
HETATM 775 O O   . HOH B 2 .  ? -7.488  -0.007  -15.757 1.00 41.25 ? 149 HOH A O   1 
HETATM 776 O O   . HOH B 2 .  ? 5.288   14.771  -2.757  1.00 37.66 ? 150 HOH A O   1 
HETATM 777 O O   . HOH B 2 .  ? -4.323  -7.995  -11.534 1.00 41.89 ? 151 HOH A O   1 
HETATM 778 O O   . HOH B 2 .  ? -9.533  -6.473  3.685   1.00 37.14 ? 152 HOH A O   1 
HETATM 779 O O   . HOH B 2 .  ? 8.463   8.827   4.705   1.00 36.33 ? 153 HOH A O   1 
HETATM 780 O O   . HOH B 2 .  ? -11.100 -2.900  -0.692  1.00 33.66 ? 154 HOH A O   1 
HETATM 781 O O   . HOH B 2 .  ? -5.354  -13.390 -3.654  1.00 35.06 ? 155 HOH A O   1 
HETATM 782 O O   . HOH B 2 .  ? 8.344   -1.076  9.156   1.00 35.15 ? 156 HOH A O   1 
HETATM 783 O O   . HOH B 2 .  ? -10.097 -4.967  -7.639  1.00 42.48 ? 157 HOH A O   1 
HETATM 784 O O   . HOH B 2 .  ? -8.552  9.068   2.277   0.50 26.08 ? 158 HOH A O   1 
HETATM 785 O O   . HOH B 2 .  ? -1.892  -13.705 -4.952  1.00 40.76 ? 159 HOH A O   1 
HETATM 786 O O   . HOH B 2 .  ? -4.739  -12.408 -1.414  1.00 41.38 ? 160 HOH A O   1 
HETATM 787 O O   . HOH B 2 .  ? 5.822   0.776   -16.633 1.00 40.13 ? 161 HOH A O   1 
HETATM 788 O O   . HOH B 2 .  ? -9.967  4.366   -0.264  1.00 44.03 ? 162 HOH A O   1 
HETATM 789 O O   . HOH B 2 .  ? -10.341 -12.833 -10.107 1.00 48.17 ? 163 HOH A O   1 
HETATM 790 O O   . HOH B 2 .  ? -7.154  -4.134  -1.003  1.00 29.23 ? 164 HOH A O   1 
HETATM 791 O O   . HOH B 2 .  ? -4.173  -2.713  -16.234 1.00 43.52 ? 165 HOH A O   1 
HETATM 792 O O   . HOH B 2 .  ? 2.494   -4.126  14.677  1.00 40.50 ? 166 HOH A O   1 
HETATM 793 O O   . HOH B 2 .  ? -8.446  -6.752  -1.232  1.00 43.87 ? 167 HOH A O   1 
HETATM 794 O O   . HOH B 2 .  ? -5.366  -13.285 12.630  1.00 48.27 ? 168 HOH A O   1 
HETATM 795 O O   . HOH B 2 .  ? -7.915  8.182   -4.030  1.00 44.35 ? 169 HOH A O   1 
HETATM 796 O O   . HOH B 2 .  ? -8.404  -7.423  1.673   1.00 44.22 ? 170 HOH A O   1 
HETATM 797 O O   . HOH B 2 .  ? -0.505  12.174  -13.480 1.00 32.57 ? 171 HOH A O   1 
HETATM 798 O O   . HOH B 2 .  ? -3.657  7.030   -20.477 1.00 34.75 ? 172 HOH A O   1 
HETATM 799 O O   . HOH B 2 .  ? -1.765  -7.834  -13.005 1.00 41.23 ? 173 HOH A O   1 
HETATM 800 O O   . HOH B 2 .  ? 7.634   -2.095  -18.114 1.00 49.51 ? 174 HOH A O   1 
HETATM 801 O O   . HOH B 2 .  ? 9.589   0.842   11.467  1.00 43.70 ? 175 HOH A O   1 
HETATM 802 O O   . HOH B 2 .  ? 4.450   -6.459  6.407   1.00 34.78 ? 176 HOH A O   1 
HETATM 803 O O   . HOH B 2 .  ? 7.097   1.323   15.169  1.00 37.81 ? 177 HOH A O   1 
HETATM 804 O O   . HOH B 2 .  ? -10.949 3.089   5.520   1.00 33.23 ? 178 HOH A O   1 
HETATM 805 O O   . HOH B 2 .  ? 1.059   6.392   -10.823 1.00 32.89 ? 179 HOH A O   1 
HETATM 806 O O   . HOH B 2 .  ? 4.066   5.620   -12.720 1.00 43.09 ? 180 HOH A O   1 
HETATM 807 O O   . HOH B 2 .  ? 5.052   8.004   -11.438 1.00 40.64 ? 181 HOH A O   1 
HETATM 808 O O   . HOH B 2 .  ? 2.914   -5.834  -18.616 1.00 42.04 ? 182 HOH A O   1 
HETATM 809 O O   . HOH B 2 .  ? -8.333  -2.209  -10.233 1.00 24.52 ? 183 HOH A O   1 
HETATM 810 O O   . HOH B 2 .  ? 4.091   11.560  11.569  1.00 31.54 ? 184 HOH A O   1 
HETATM 811 O O   . HOH B 2 .  ? 2.497   -5.329  12.279  1.00 33.54 ? 185 HOH A O   1 
HETATM 812 O O   . HOH B 2 .  ? 10.666  4.914   -3.330  1.00 53.03 ? 186 HOH A O   1 
HETATM 813 O O   . HOH B 2 .  ? 3.383   -7.289  9.086   1.00 41.14 ? 187 HOH A O   1 
HETATM 814 O O   . HOH B 2 .  ? 3.145   -10.410 16.525  1.00 47.89 ? 188 HOH A O   1 
HETATM 815 O O   . HOH B 2 .  ? 12.408  8.195   -6.429  1.00 43.21 ? 189 HOH A O   1 
HETATM 816 O O   . HOH B 2 .  ? 4.912   11.208  14.536  1.00 47.66 ? 190 HOH A O   1 
HETATM 817 O O   . HOH B 2 .  ? -11.642 2.173   -3.300  1.00 40.45 ? 191 HOH A O   1 
HETATM 818 O O   . HOH B 2 .  ? -11.306 -3.448  11.151  1.00 45.29 ? 192 HOH A O   1 
HETATM 819 O O   . HOH B 2 .  ? 10.467  9.694   -3.398  1.00 52.92 ? 193 HOH A O   1 
HETATM 820 O O   . HOH B 2 .  ? -9.282  2.869   -13.495 1.00 38.02 ? 194 HOH A O   1 
# 
